data_8IFZ
#
_entry.id   8IFZ
#
_cell.length_a   1.00
_cell.length_b   1.00
_cell.length_c   1.00
_cell.angle_alpha   90.00
_cell.angle_beta   90.00
_cell.angle_gamma   90.00
#
_symmetry.space_group_name_H-M   'P 1'
#
loop_
_entity.id
_entity.type
_entity.pdbx_description
1 polymer 'Spike protein S1'
2 polymer 'Angiotensin-converting enzyme'
3 non-polymer 2-acetamido-2-deoxy-beta-D-glucopyranose
4 non-polymer 'ZINC ION'
#
loop_
_entity_poly.entity_id
_entity_poly.type
_entity_poly.pdbx_seq_one_letter_code
_entity_poly.pdbx_strand_id
1 'polypeptide(L)'
;MFVFLVLLPLVSSQCRVQPTESIVRFPNITNLCPFDEVFNATRFASVYAWNRKRISNCVADYSVLYNFAPFFAFKCYGVS
PTKLNDLCFTNVYADSFVIRGNEVSQIAPGQTGNIADYNYKLPDDFTGCVIAWNSNKLDSKVGGNYNYRYRLFRKSNLKP
FERDISTEIYQAGNKPCNGVAGVNCYFPLQSYGFRPTYGVGHQPYRVVVLSFELLHAPATVCGPKKSTNLVKNKCVNF
;
B
2 'polypeptide(L)'
;STTEEQAKTFLEKFNHEAEDLSYQSSLASWNYNTNITDENVQKMNEARAKWSAFYEEQSRMAKTYSLEEIQNLTLKRQLK
ALQQSGTSVLSAEKSKRLNTILNTMSTIYSTGKVLDPNTQECLALEPGLDDIMENSRDYNRRLWAWEGWRAEVGKQLRPL
YEEYVVLENEMARANNYEDYGDYWRGDYEVTEAGDYDYSRDQLMKDVENTFAEIKPLYEQLHAYVRAKLMDTYPSYISPT
GCLPAHLLGDMWGRFWTNLYSLTVPFKHKPSIDVTEKMKNQSWDAERIFKEAEKFFVSISLPHMTQGFWDNSMLTEPGDG
RKVVCHPTAWDLGKGDFRIKMCTKVTMDDFLTAHHEMGHIQYDMAYAAQPYLLRDGANEGFHEAVGEIMSLSAATPHYLK
ALGLLEPDFYEDNETEINFLLKQALTIVGTLPFTYMLEKWRWMVFKGEIPKEQWMEKWWEMKREIVGVVEPLPHDETYCD
PACLFHVAEDYSFIRYYTRTIYQFQFHEALCKTANHEGALFKCDISNSTEAGQRLLQMLSLGKSEPWTLALESIVGIKTM
DVKPLLNYFEPLFTWLKEQNRNSFVGWSTEWTPYSDQSIKVRISLKSALGKNADANCPFVWCVPPVSHLVAIVIRSAVTV
SQCCVQATLVLLNPGPKVPEE
;
A
#
# COMPACT_ATOMS: atom_id res chain seq x y z
N THR A 30 6.77 59.94 13.07
CA THR A 30 7.50 60.37 14.25
C THR A 30 7.69 59.23 15.24
N ASN A 31 6.85 58.20 15.10
CA ASN A 31 6.93 57.02 15.95
C ASN A 31 6.94 55.77 15.06
N LEU A 32 7.62 54.73 15.55
CA LEU A 32 7.67 53.48 14.82
C LEU A 32 6.30 52.82 14.81
N CYS A 33 6.05 52.01 13.79
CA CYS A 33 4.78 51.32 13.69
C CYS A 33 4.62 50.33 14.84
N PRO A 34 3.38 50.10 15.31
CA PRO A 34 3.15 49.11 16.37
C PRO A 34 3.16 47.68 15.88
N PHE A 35 3.65 47.42 14.67
CA PHE A 35 3.68 46.09 14.08
C PHE A 35 4.92 45.35 14.56
N ASP A 36 5.08 45.24 15.88
CA ASP A 36 6.24 44.60 16.48
C ASP A 36 5.87 43.54 17.50
N GLU A 37 4.62 43.50 17.98
CA GLU A 37 4.17 42.44 18.85
C GLU A 37 3.13 41.53 18.21
N VAL A 38 2.30 42.06 17.31
CA VAL A 38 1.36 41.21 16.57
C VAL A 38 2.10 40.35 15.57
N PHE A 39 3.11 40.90 14.92
CA PHE A 39 3.83 40.20 13.86
C PHE A 39 5.12 39.53 14.33
N ASN A 40 5.61 39.85 15.53
CA ASN A 40 6.85 39.29 16.04
C ASN A 40 6.62 38.90 17.51
N ALA A 41 6.32 37.63 17.75
CA ALA A 41 6.11 37.11 19.09
C ALA A 41 6.91 35.83 19.26
N THR A 42 7.46 35.63 20.47
CA THR A 42 8.18 34.40 20.76
C THR A 42 7.22 33.20 20.73
N ARG A 43 6.03 33.34 21.31
CA ARG A 43 5.02 32.30 21.30
C ARG A 43 3.67 32.93 20.91
N PHE A 44 2.97 32.27 20.01
CA PHE A 44 1.66 32.73 19.54
C PHE A 44 0.56 32.13 20.41
N ALA A 45 -0.68 32.23 19.95
CA ALA A 45 -1.83 31.68 20.66
C ALA A 45 -2.52 30.62 19.80
N SER A 46 -3.53 29.98 20.39
CA SER A 46 -4.31 28.97 19.70
C SER A 46 -5.38 29.65 18.85
N VAL A 47 -6.30 28.87 18.30
CA VAL A 47 -7.35 29.41 17.44
C VAL A 47 -8.65 29.48 18.21
N TYR A 48 -8.87 28.54 19.13
CA TYR A 48 -10.08 28.57 19.93
C TYR A 48 -10.11 29.76 20.87
N ALA A 49 -8.93 30.22 21.30
CA ALA A 49 -8.78 31.42 22.12
C ALA A 49 -7.72 32.28 21.44
N TRP A 50 -8.13 33.07 20.46
CA TRP A 50 -7.19 33.89 19.70
C TRP A 50 -6.94 35.22 20.42
N ASN A 51 -6.01 35.98 19.87
CA ASN A 51 -5.59 37.25 20.45
C ASN A 51 -6.11 38.40 19.60
N ARG A 52 -6.63 39.42 20.27
CA ARG A 52 -7.09 40.64 19.61
C ARG A 52 -6.30 41.82 20.14
N LYS A 53 -5.85 42.68 19.24
CA LYS A 53 -5.17 43.92 19.60
C LYS A 53 -5.84 45.07 18.87
N ARG A 54 -6.10 46.15 19.59
CA ARG A 54 -6.64 47.37 19.00
C ARG A 54 -5.52 48.37 18.78
N ILE A 55 -5.37 48.84 17.54
CA ILE A 55 -4.33 49.80 17.18
C ILE A 55 -5.00 51.08 16.68
N SER A 56 -4.64 52.20 17.30
CA SER A 56 -5.20 53.48 16.92
C SER A 56 -4.24 54.58 17.35
N ASN A 57 -4.43 55.78 16.78
CA ASN A 57 -3.61 56.95 17.10
C ASN A 57 -2.13 56.69 16.85
N CYS A 58 -1.82 56.15 15.68
CA CYS A 58 -0.44 55.83 15.32
C CYS A 58 -0.21 56.13 13.85
N VAL A 59 1.05 56.38 13.52
CA VAL A 59 1.50 56.56 12.13
C VAL A 59 2.11 55.23 11.71
N ALA A 60 1.30 54.38 11.07
CA ALA A 60 1.73 53.03 10.70
C ALA A 60 1.90 52.95 9.19
N ASP A 61 3.02 52.37 8.76
CA ASP A 61 3.33 52.21 7.35
C ASP A 61 3.21 50.74 6.98
N TYR A 62 2.35 50.45 6.00
CA TYR A 62 2.10 49.07 5.58
C TYR A 62 3.11 48.59 4.55
N SER A 63 4.05 49.44 4.13
CA SER A 63 5.09 48.98 3.22
C SER A 63 6.02 47.97 3.89
N VAL A 64 6.12 48.01 5.22
CA VAL A 64 6.94 47.04 5.94
C VAL A 64 6.32 45.65 5.90
N LEU A 65 5.01 45.55 5.64
CA LEU A 65 4.36 44.25 5.61
C LEU A 65 4.91 43.37 4.49
N TYR A 66 5.45 43.98 3.43
CA TYR A 66 6.04 43.24 2.33
C TYR A 66 7.48 42.81 2.61
N ASN A 67 8.00 43.14 3.79
CA ASN A 67 9.41 42.89 4.10
C ASN A 67 9.64 41.79 5.12
N PHE A 68 8.62 41.43 5.91
CA PHE A 68 8.81 40.37 6.91
C PHE A 68 8.38 39.01 6.36
N ALA A 69 7.11 38.87 6.00
CA ALA A 69 6.63 37.58 5.52
C ALA A 69 5.32 37.67 4.74
N PRO A 70 5.32 38.26 3.54
CA PRO A 70 4.14 38.23 2.66
C PRO A 70 4.18 37.01 1.75
N PHE A 71 4.44 35.83 2.34
CA PHE A 71 4.91 34.70 1.54
C PHE A 71 3.77 33.87 0.97
N PHE A 72 2.94 33.26 1.81
CA PHE A 72 1.97 32.30 1.31
C PHE A 72 0.77 32.99 0.68
N ALA A 73 0.21 34.00 1.35
CA ALA A 73 -0.99 34.64 0.86
C ALA A 73 -1.08 36.07 1.36
N PHE A 74 -1.66 36.94 0.52
CA PHE A 74 -1.87 38.34 0.86
C PHE A 74 -3.23 38.82 0.36
N LYS A 75 -4.19 37.92 0.24
CA LYS A 75 -5.46 38.24 -0.39
C LYS A 75 -6.29 39.17 0.48
N CYS A 76 -6.99 40.10 -0.17
CA CYS A 76 -8.01 40.90 0.50
C CYS A 76 -9.01 41.41 -0.52
N TYR A 77 -10.19 41.76 -0.03
CA TYR A 77 -11.32 42.16 -0.87
C TYR A 77 -11.99 43.38 -0.27
N GLY A 78 -12.42 44.30 -1.13
CA GLY A 78 -13.00 45.55 -0.70
C GLY A 78 -12.02 46.68 -0.49
N VAL A 79 -10.73 46.35 -0.33
CA VAL A 79 -9.67 47.33 -0.25
C VAL A 79 -8.57 46.92 -1.21
N SER A 80 -8.18 47.84 -2.08
CA SER A 80 -7.09 47.57 -3.01
C SER A 80 -5.78 47.45 -2.24
N PRO A 81 -5.02 46.37 -2.44
CA PRO A 81 -3.75 46.22 -1.70
C PRO A 81 -2.71 47.27 -2.05
N THR A 82 -2.91 48.03 -3.14
CA THR A 82 -1.97 49.05 -3.56
C THR A 82 -2.72 50.36 -3.79
N LYS A 83 -2.04 51.47 -3.49
CA LYS A 83 -2.50 52.85 -3.65
C LYS A 83 -3.61 53.23 -2.67
N LEU A 84 -4.04 52.31 -1.80
CA LEU A 84 -5.07 52.61 -0.81
C LEU A 84 -4.50 52.67 0.60
N ASN A 85 -3.18 52.62 0.76
CA ASN A 85 -2.58 52.74 2.08
C ASN A 85 -2.70 54.14 2.67
N ASP A 86 -3.03 55.13 1.85
CA ASP A 86 -3.12 56.52 2.29
C ASP A 86 -4.52 56.90 2.77
N LEU A 87 -5.48 55.99 2.75
CA LEU A 87 -6.80 56.27 3.29
C LEU A 87 -6.75 56.25 4.81
N CYS A 88 -7.74 56.89 5.43
CA CYS A 88 -7.81 57.04 6.87
C CYS A 88 -9.02 56.31 7.42
N PHE A 89 -8.80 55.50 8.46
CA PHE A 89 -9.83 54.71 9.10
C PHE A 89 -9.84 55.02 10.59
N THR A 90 -10.98 54.77 11.23
CA THR A 90 -11.12 55.10 12.64
C THR A 90 -10.38 54.10 13.54
N ASN A 91 -10.41 52.82 13.18
CA ASN A 91 -9.85 51.79 14.06
C ASN A 91 -9.24 50.68 13.22
N VAL A 92 -8.23 50.02 13.78
CA VAL A 92 -7.55 48.89 13.16
C VAL A 92 -7.51 47.75 14.16
N TYR A 93 -7.90 46.56 13.71
CA TYR A 93 -7.96 45.37 14.55
C TYR A 93 -6.95 44.34 14.06
N ALA A 94 -6.33 43.62 14.99
CA ALA A 94 -5.34 42.60 14.67
C ALA A 94 -5.68 41.31 15.42
N ASP A 95 -5.78 40.21 14.68
CA ASP A 95 -6.00 38.89 15.25
C ASP A 95 -4.91 37.95 14.75
N SER A 96 -4.36 37.15 15.67
CA SER A 96 -3.26 36.24 15.34
C SER A 96 -3.52 34.88 15.97
N PHE A 97 -3.22 33.82 15.23
CA PHE A 97 -3.38 32.46 15.72
C PHE A 97 -2.54 31.52 14.85
N VAL A 98 -2.50 30.25 15.23
CA VAL A 98 -1.78 29.21 14.50
C VAL A 98 -2.76 28.12 14.12
N ILE A 99 -2.81 27.79 12.82
CA ILE A 99 -3.68 26.76 12.29
C ILE A 99 -2.86 25.87 11.35
N ARG A 100 -3.53 24.91 10.72
CA ARG A 100 -2.87 24.00 9.80
C ARG A 100 -2.66 24.66 8.44
N GLY A 101 -1.81 24.03 7.64
CA GLY A 101 -1.50 24.60 6.33
C GLY A 101 -2.69 24.55 5.38
N ASN A 102 -3.41 23.43 5.36
CA ASN A 102 -4.56 23.27 4.48
C ASN A 102 -5.80 23.98 5.01
N GLU A 103 -5.75 24.50 6.23
CA GLU A 103 -6.89 25.17 6.85
C GLU A 103 -6.91 26.67 6.61
N VAL A 104 -5.92 27.22 5.89
CA VAL A 104 -5.92 28.64 5.58
C VAL A 104 -6.91 29.00 4.47
N SER A 105 -7.46 28.02 3.78
CA SER A 105 -8.47 28.27 2.75
C SER A 105 -9.83 28.58 3.35
N GLN A 106 -10.02 28.37 4.65
CA GLN A 106 -11.29 28.62 5.31
C GLN A 106 -11.39 30.02 5.91
N ILE A 107 -10.33 30.80 5.88
CA ILE A 107 -10.35 32.17 6.43
C ILE A 107 -10.79 33.08 5.29
N ALA A 108 -12.10 33.18 5.11
CA ALA A 108 -12.72 33.92 4.02
C ALA A 108 -14.22 33.99 4.24
N PRO A 109 -14.91 34.98 3.69
CA PRO A 109 -16.36 35.05 3.88
C PRO A 109 -17.08 34.03 2.98
N GLY A 110 -17.92 33.21 3.59
CA GLY A 110 -18.71 32.24 2.85
C GLY A 110 -18.20 30.82 2.88
N GLN A 111 -17.12 30.54 3.60
CA GLN A 111 -16.55 29.20 3.66
C GLN A 111 -17.08 28.45 4.88
N THR A 112 -16.91 27.13 4.84
CA THR A 112 -17.36 26.26 5.92
C THR A 112 -16.25 25.29 6.29
N GLY A 113 -16.30 24.81 7.53
CA GLY A 113 -15.31 23.89 8.03
C GLY A 113 -15.28 23.93 9.54
N ASN A 114 -14.39 23.10 10.10
CA ASN A 114 -14.24 23.07 11.55
C ASN A 114 -13.72 24.40 12.07
N ILE A 115 -12.74 24.98 11.38
CA ILE A 115 -12.19 26.27 11.81
C ILE A 115 -13.18 27.39 11.57
N ALA A 116 -13.86 27.37 10.41
CA ALA A 116 -14.70 28.50 10.02
C ALA A 116 -16.04 28.53 10.78
N ASP A 117 -16.57 27.37 11.16
CA ASP A 117 -17.90 27.31 11.75
C ASP A 117 -17.89 27.22 13.27
N TYR A 118 -16.77 26.83 13.89
CA TYR A 118 -16.71 26.66 15.33
C TYR A 118 -15.58 27.43 16.01
N ASN A 119 -14.61 27.96 15.27
CA ASN A 119 -13.44 28.58 15.89
C ASN A 119 -13.31 30.06 15.58
N TYR A 120 -13.43 30.46 14.31
CA TYR A 120 -13.20 31.84 13.92
C TYR A 120 -13.99 32.11 12.65
N LYS A 121 -14.97 33.00 12.73
CA LYS A 121 -15.84 33.32 11.60
C LYS A 121 -15.68 34.79 11.23
N LEU A 122 -15.72 35.07 9.93
CA LEU A 122 -15.55 36.42 9.39
C LEU A 122 -16.85 36.89 8.73
N PRO A 123 -17.12 38.19 8.75
CA PRO A 123 -18.35 38.70 8.14
C PRO A 123 -18.30 38.62 6.62
N ASP A 124 -19.49 38.74 6.02
CA ASP A 124 -19.64 38.59 4.57
C ASP A 124 -19.04 39.74 3.79
N ASP A 125 -18.78 40.89 4.42
CA ASP A 125 -18.23 42.06 3.76
C ASP A 125 -16.99 42.54 4.48
N PHE A 126 -16.06 41.62 4.74
CA PHE A 126 -14.87 41.92 5.52
C PHE A 126 -14.02 42.98 4.83
N THR A 127 -13.40 43.85 5.64
CA THR A 127 -12.54 44.93 5.16
C THR A 127 -11.18 44.79 5.82
N GLY A 128 -10.26 44.14 5.11
CA GLY A 128 -8.90 43.96 5.60
C GLY A 128 -8.21 42.85 4.85
N CYS A 129 -6.89 42.79 5.07
CA CYS A 129 -6.03 41.83 4.37
C CYS A 129 -5.59 40.72 5.33
N VAL A 130 -5.63 39.48 4.85
CA VAL A 130 -5.24 38.31 5.61
C VAL A 130 -3.86 37.87 5.14
N ILE A 131 -2.94 37.71 6.08
CA ILE A 131 -1.55 37.36 5.78
C ILE A 131 -1.22 36.02 6.43
N ALA A 132 -0.67 35.10 5.64
CA ALA A 132 -0.26 33.79 6.13
C ALA A 132 1.14 33.47 5.65
N TRP A 133 1.89 32.75 6.48
CA TRP A 133 3.24 32.34 6.15
C TRP A 133 3.62 31.12 6.98
N ASN A 134 4.71 30.48 6.59
CA ASN A 134 5.13 29.22 7.18
C ASN A 134 6.00 29.46 8.41
N SER A 135 5.76 28.67 9.46
CA SER A 135 6.47 28.82 10.72
C SER A 135 6.88 27.44 11.26
N ASN A 136 7.47 26.61 10.40
CA ASN A 136 7.84 25.26 10.80
C ASN A 136 8.99 25.26 11.81
N LYS A 137 9.96 26.16 11.64
CA LYS A 137 11.17 26.10 12.43
C LYS A 137 10.96 26.46 13.90
N LEU A 138 9.82 27.04 14.26
CA LEU A 138 9.57 27.49 15.62
C LEU A 138 8.53 26.68 16.37
N ASP A 139 7.51 26.17 15.69
CA ASP A 139 6.40 25.46 16.31
C ASP A 139 6.46 23.96 16.03
N SER A 140 7.66 23.39 15.99
CA SER A 140 7.84 21.96 15.75
C SER A 140 8.83 21.40 16.76
N LYS A 141 8.54 20.21 17.26
CA LYS A 141 9.38 19.55 18.25
C LYS A 141 9.50 18.07 17.90
N VAL A 142 10.47 17.40 18.52
CA VAL A 142 10.62 15.96 18.31
C VAL A 142 9.38 15.23 18.80
N GLY A 143 8.90 15.56 20.00
CA GLY A 143 7.69 14.95 20.51
C GLY A 143 6.42 15.59 20.02
N GLY A 144 6.49 16.80 19.46
CA GLY A 144 5.31 17.50 18.99
C GLY A 144 4.86 18.59 19.95
N ASN A 145 4.41 19.71 19.41
CA ASN A 145 3.92 20.83 20.22
C ASN A 145 2.47 20.57 20.57
N TYR A 146 2.22 20.04 21.76
CA TYR A 146 0.88 19.75 22.22
C TYR A 146 0.23 20.92 22.94
N ASN A 147 0.79 22.12 22.80
CA ASN A 147 0.25 23.31 23.41
C ASN A 147 -0.78 24.03 22.54
N TYR A 148 -1.03 23.53 21.34
CA TYR A 148 -1.97 24.16 20.42
C TYR A 148 -3.20 23.28 20.30
N ARG A 149 -4.37 23.86 20.57
CA ARG A 149 -5.61 23.12 20.60
C ARG A 149 -6.70 23.87 19.84
N TYR A 150 -7.67 23.12 19.32
CA TYR A 150 -8.82 23.69 18.65
C TYR A 150 -10.07 22.93 19.05
N ARG A 151 -11.21 23.61 18.96
CA ARG A 151 -12.48 23.02 19.32
C ARG A 151 -13.05 22.19 18.17
N LEU A 152 -13.51 20.99 18.47
CA LEU A 152 -13.91 20.04 17.43
C LEU A 152 -15.39 20.12 17.10
N PHE A 153 -16.26 20.03 18.11
CA PHE A 153 -17.70 20.12 17.88
C PHE A 153 -18.34 21.03 18.92
N ARG A 154 -19.30 21.83 18.46
CA ARG A 154 -20.06 22.74 19.32
C ARG A 154 -21.53 22.61 18.96
N LYS A 155 -22.39 22.98 19.91
CA LYS A 155 -23.82 22.79 19.72
C LYS A 155 -24.35 23.61 18.54
N SER A 156 -23.90 24.86 18.42
CA SER A 156 -24.37 25.74 17.36
C SER A 156 -23.21 26.51 16.76
N ASN A 157 -23.41 26.98 15.53
CA ASN A 157 -22.37 27.72 14.83
C ASN A 157 -22.08 29.05 15.53
N LEU A 158 -21.05 29.72 15.06
CA LEU A 158 -20.56 30.95 15.67
C LEU A 158 -21.10 32.17 14.94
N LYS A 159 -21.24 33.27 15.67
CA LYS A 159 -21.46 34.57 15.07
C LYS A 159 -20.12 35.25 14.80
N PRO A 160 -20.02 36.09 13.77
CA PRO A 160 -18.73 36.68 13.43
C PRO A 160 -18.14 37.50 14.56
N PHE A 161 -16.81 37.44 14.68
CA PHE A 161 -16.05 38.20 15.66
C PHE A 161 -16.50 37.91 17.09
N GLU A 162 -16.32 36.66 17.50
CA GLU A 162 -16.60 36.25 18.86
C GLU A 162 -15.71 35.04 19.18
N ARG A 163 -15.50 34.80 20.46
CA ARG A 163 -14.59 33.75 20.89
C ARG A 163 -15.19 33.01 22.07
N ASP A 164 -14.70 31.79 22.29
CA ASP A 164 -15.21 30.92 23.35
C ASP A 164 -14.06 30.13 23.93
N ILE A 165 -13.88 30.25 25.25
CA ILE A 165 -12.89 29.45 25.97
C ILE A 165 -13.68 28.62 26.98
N SER A 166 -14.08 27.42 26.57
CA SER A 166 -15.00 26.61 27.35
C SER A 166 -14.41 25.21 27.54
N THR A 167 -14.48 24.72 28.77
CA THR A 167 -14.12 23.34 29.11
C THR A 167 -15.36 22.71 29.73
N GLU A 168 -16.25 22.21 28.88
CA GLU A 168 -17.48 21.56 29.31
C GLU A 168 -17.79 20.42 28.35
N ILE A 169 -18.21 19.29 28.92
CA ILE A 169 -18.40 18.09 28.12
C ILE A 169 -19.54 18.27 27.13
N TYR A 170 -19.41 17.62 25.97
CA TYR A 170 -20.41 17.68 24.92
C TYR A 170 -21.38 16.52 25.08
N GLN A 171 -22.68 16.84 25.11
CA GLN A 171 -23.72 15.83 25.32
C GLN A 171 -24.18 15.30 23.96
N ALA A 172 -23.42 14.34 23.45
CA ALA A 172 -23.74 13.73 22.17
C ALA A 172 -24.95 12.81 22.24
N GLY A 173 -25.31 12.35 23.45
CA GLY A 173 -26.45 11.48 23.63
C GLY A 173 -27.59 12.17 24.36
N ASN A 174 -28.54 11.34 24.81
CA ASN A 174 -29.70 11.81 25.56
C ASN A 174 -29.57 11.54 27.05
N LYS A 175 -28.37 11.17 27.52
CA LYS A 175 -28.16 10.88 28.93
C LYS A 175 -27.34 11.99 29.56
N PRO A 176 -27.71 12.48 30.74
CA PRO A 176 -26.86 13.45 31.44
C PRO A 176 -25.49 12.87 31.73
N CYS A 177 -24.47 13.72 31.58
CA CYS A 177 -23.08 13.28 31.71
C CYS A 177 -22.54 13.44 33.13
N ASN A 178 -23.22 14.23 33.96
CA ASN A 178 -22.74 14.57 35.31
C ASN A 178 -21.37 15.24 35.27
N GLY A 179 -21.01 15.85 34.14
CA GLY A 179 -19.75 16.55 34.02
C GLY A 179 -18.55 15.69 33.76
N VAL A 180 -18.72 14.38 33.56
CA VAL A 180 -17.61 13.44 33.40
C VAL A 180 -17.73 12.78 32.03
N ALA A 181 -16.61 12.73 31.32
CA ALA A 181 -16.58 12.13 30.00
C ALA A 181 -16.81 10.62 30.09
N GLY A 182 -16.90 9.99 28.92
CA GLY A 182 -17.16 8.58 28.84
C GLY A 182 -17.90 8.20 27.58
N VAL A 183 -18.93 7.37 27.71
CA VAL A 183 -19.71 6.94 26.55
C VAL A 183 -20.57 8.09 26.06
N ASN A 184 -20.41 8.44 24.78
CA ASN A 184 -21.14 9.56 24.17
C ASN A 184 -20.92 10.85 24.94
N CYS A 185 -19.72 11.02 25.49
CA CYS A 185 -19.36 12.21 26.27
C CYS A 185 -17.89 12.50 25.99
N TYR A 186 -17.63 13.42 25.08
CA TYR A 186 -16.29 13.66 24.56
C TYR A 186 -15.78 15.02 25.02
N PHE A 187 -14.47 15.09 25.25
CA PHE A 187 -13.83 16.37 25.51
C PHE A 187 -13.86 17.22 24.25
N PRO A 188 -14.35 18.46 24.33
CA PRO A 188 -14.62 19.23 23.11
C PRO A 188 -13.39 19.89 22.48
N LEU A 189 -12.21 19.72 23.06
CA LEU A 189 -10.99 20.34 22.54
C LEU A 189 -9.96 19.27 22.24
N GLN A 190 -9.37 19.34 21.05
CA GLN A 190 -8.36 18.39 20.60
C GLN A 190 -7.07 19.13 20.26
N SER A 191 -5.97 18.40 20.31
CA SER A 191 -4.64 18.97 20.23
C SER A 191 -4.14 19.03 18.78
N TYR A 192 -3.03 19.75 18.60
CA TYR A 192 -2.38 19.92 17.29
C TYR A 192 -0.95 19.39 17.40
N GLY A 193 -0.76 18.10 17.19
CA GLY A 193 0.57 17.53 17.15
C GLY A 193 1.33 18.05 15.95
N PHE A 194 2.44 18.76 16.20
CA PHE A 194 3.22 19.38 15.14
C PHE A 194 4.66 18.88 15.21
N ARG A 195 5.11 18.22 14.15
CA ARG A 195 6.46 17.71 14.04
C ARG A 195 7.10 18.20 12.75
N PRO A 196 8.41 18.40 12.73
CA PRO A 196 9.06 18.95 11.53
C PRO A 196 9.04 18.01 10.34
N THR A 197 8.79 16.73 10.54
CA THR A 197 8.85 15.73 9.47
C THR A 197 7.55 15.62 8.70
N TYR A 198 6.55 16.43 9.03
CA TYR A 198 5.28 16.40 8.33
C TYR A 198 5.43 16.98 6.92
N GLY A 199 4.33 16.90 6.17
CA GLY A 199 4.27 17.53 4.87
C GLY A 199 3.92 19.00 4.97
N VAL A 200 3.77 19.63 3.80
CA VAL A 200 3.50 21.06 3.74
C VAL A 200 2.01 21.31 3.93
N GLY A 201 1.26 20.25 4.21
CA GLY A 201 -0.16 20.39 4.46
C GLY A 201 -0.49 20.42 5.94
N HIS A 202 0.27 19.67 6.75
CA HIS A 202 0.07 19.62 8.19
C HIS A 202 1.14 20.39 8.94
N GLN A 203 1.91 21.22 8.25
CA GLN A 203 2.90 22.09 8.87
C GLN A 203 2.23 23.28 9.55
N PRO A 204 2.81 23.80 10.64
CA PRO A 204 2.20 24.93 11.33
C PRO A 204 2.32 26.21 10.53
N TYR A 205 1.24 26.99 10.52
CA TYR A 205 1.19 28.28 9.85
C TYR A 205 0.65 29.33 10.81
N ARG A 206 1.16 30.56 10.67
CA ARG A 206 0.71 31.68 11.47
C ARG A 206 -0.03 32.66 10.59
N VAL A 207 -1.26 33.00 10.99
CA VAL A 207 -2.13 33.87 10.22
C VAL A 207 -2.49 35.08 11.06
N VAL A 208 -2.29 36.27 10.49
CA VAL A 208 -2.63 37.53 11.14
C VAL A 208 -3.69 38.22 10.30
N VAL A 209 -4.84 38.50 10.91
CA VAL A 209 -5.97 39.09 10.22
C VAL A 209 -6.09 40.54 10.67
N LEU A 210 -5.97 41.46 9.72
CA LEU A 210 -6.08 42.88 9.97
C LEU A 210 -7.46 43.36 9.52
N SER A 211 -8.18 44.02 10.41
CA SER A 211 -9.53 44.50 10.12
C SER A 211 -9.55 46.02 10.10
N PHE A 212 -10.08 46.58 9.01
CA PHE A 212 -10.20 48.01 8.85
C PHE A 212 -11.64 48.42 9.12
N GLU A 213 -11.82 49.35 10.06
CA GLU A 213 -13.13 49.82 10.47
C GLU A 213 -13.30 51.29 10.10
N LEU A 214 -14.47 51.62 9.56
CA LEU A 214 -14.83 53.00 9.24
C LEU A 214 -16.16 53.31 9.92
N LEU A 215 -16.21 54.41 10.67
CA LEU A 215 -17.40 54.75 11.43
C LEU A 215 -17.55 56.27 11.46
N HIS A 216 -18.58 56.74 12.18
CA HIS A 216 -18.87 58.16 12.33
C HIS A 216 -17.98 58.74 13.44
N ALA A 217 -16.73 58.99 13.09
CA ALA A 217 -15.74 59.52 14.03
C ALA A 217 -14.54 59.99 13.23
N PRO A 218 -13.75 60.92 13.78
CA PRO A 218 -12.53 61.33 13.10
C PRO A 218 -11.56 60.17 12.94
N ALA A 219 -11.03 60.02 11.73
CA ALA A 219 -10.11 58.92 11.40
C ALA A 219 -8.71 59.37 11.75
N THR A 220 -8.33 59.18 13.01
CA THR A 220 -7.02 59.63 13.48
C THR A 220 -5.91 58.75 12.93
N VAL A 221 -6.12 57.43 12.89
CA VAL A 221 -5.05 56.51 12.51
C VAL A 221 -5.00 56.40 10.99
N CYS A 222 -3.86 56.78 10.42
CA CYS A 222 -3.52 56.60 9.01
C CYS A 222 -2.13 57.20 8.82
N GLY A 223 -1.55 56.97 7.64
CA GLY A 223 -0.23 57.48 7.32
C GLY A 223 -0.16 58.20 5.99
N SER B 1 -31.32 8.83 20.87
CA SER B 1 -32.45 8.68 19.96
C SER B 1 -31.96 8.26 18.58
N THR B 2 -31.71 9.24 17.72
CA THR B 2 -31.29 8.95 16.35
C THR B 2 -29.90 8.34 16.34
N THR B 3 -29.75 7.22 15.63
CA THR B 3 -28.44 6.58 15.52
C THR B 3 -27.48 7.41 14.67
N GLU B 4 -28.00 8.23 13.76
CA GLU B 4 -27.13 8.96 12.84
C GLU B 4 -26.23 9.95 13.58
N GLU B 5 -26.77 10.64 14.59
CA GLU B 5 -26.02 11.70 15.24
C GLU B 5 -24.83 11.14 16.02
N GLN B 6 -25.07 10.12 16.86
CA GLN B 6 -23.98 9.60 17.67
C GLN B 6 -22.98 8.81 16.83
N ALA B 7 -23.44 8.13 15.78
CA ALA B 7 -22.52 7.42 14.90
C ALA B 7 -21.60 8.39 14.16
N LYS B 8 -22.14 9.51 13.69
CA LYS B 8 -21.32 10.49 12.99
C LYS B 8 -20.28 11.11 13.92
N THR B 9 -20.68 11.42 15.16
CA THR B 9 -19.77 12.05 16.11
C THR B 9 -18.68 11.09 16.58
N PHE B 10 -18.99 9.80 16.72
CA PHE B 10 -18.00 8.85 17.19
C PHE B 10 -16.81 8.75 16.23
N LEU B 11 -17.08 8.77 14.93
CA LEU B 11 -16.00 8.64 13.95
C LEU B 11 -15.16 9.90 13.88
N GLU B 12 -15.73 11.06 14.21
CA GLU B 12 -14.92 12.27 14.25
C GLU B 12 -13.86 12.17 15.33
N LYS B 13 -14.23 11.62 16.49
CA LYS B 13 -13.24 11.40 17.54
C LYS B 13 -12.23 10.34 17.14
N PHE B 14 -12.69 9.28 16.47
CA PHE B 14 -11.78 8.21 16.10
C PHE B 14 -10.84 8.62 14.98
N ASN B 15 -11.35 9.36 13.98
CA ASN B 15 -10.56 9.68 12.81
C ASN B 15 -9.39 10.61 13.12
N HIS B 16 -9.40 11.27 14.28
CA HIS B 16 -8.35 12.21 14.65
C HIS B 16 -7.40 11.67 15.70
N GLU B 17 -7.91 10.93 16.69
CA GLU B 17 -7.01 10.29 17.65
C GLU B 17 -6.21 9.17 16.99
N ALA B 18 -6.75 8.55 15.95
CA ALA B 18 -6.02 7.49 15.26
C ALA B 18 -4.77 8.02 14.59
N GLU B 19 -4.86 9.22 14.00
CA GLU B 19 -3.72 9.77 13.27
C GLU B 19 -2.53 10.02 14.19
N ASP B 20 -2.77 10.48 15.42
CA ASP B 20 -1.67 10.76 16.34
C ASP B 20 -0.92 9.48 16.69
N LEU B 21 -1.65 8.42 17.00
CA LEU B 21 -0.99 7.17 17.41
C LEU B 21 -0.49 6.35 16.23
N SER B 22 -1.17 6.44 15.09
CA SER B 22 -0.69 5.73 13.89
C SER B 22 0.65 6.27 13.42
N TYR B 23 0.83 7.59 13.46
CA TYR B 23 2.10 8.18 13.05
C TYR B 23 3.21 7.80 13.99
N GLN B 24 2.93 7.71 15.30
CA GLN B 24 3.96 7.30 16.25
C GLN B 24 4.44 5.89 15.97
N SER B 25 3.53 4.97 15.66
CA SER B 25 3.93 3.60 15.39
C SER B 25 4.79 3.48 14.13
N SER B 26 4.42 4.21 13.07
CA SER B 26 5.14 4.08 11.81
C SER B 26 6.56 4.61 11.91
N LEU B 27 6.75 5.76 12.56
CA LEU B 27 8.08 6.32 12.70
C LEU B 27 8.97 5.44 13.56
N ALA B 28 8.39 4.82 14.61
CA ALA B 28 9.18 3.94 15.45
C ALA B 28 9.73 2.76 14.68
N SER B 29 9.01 2.29 13.66
CA SER B 29 9.52 1.22 12.83
C SER B 29 10.62 1.71 11.89
N TRP B 30 10.48 2.95 11.39
CA TRP B 30 11.49 3.51 10.51
C TRP B 30 12.82 3.68 11.23
N ASN B 31 12.79 4.13 12.48
CA ASN B 31 14.01 4.30 13.24
C ASN B 31 14.70 2.96 13.49
N TYR B 32 13.92 1.91 13.74
CA TYR B 32 14.50 0.60 13.98
C TYR B 32 15.13 0.03 12.71
N ASN B 33 14.47 0.20 11.56
CA ASN B 33 14.99 -0.33 10.31
C ASN B 33 16.18 0.44 9.79
N THR B 34 16.49 1.59 10.37
CA THR B 34 17.71 2.33 10.05
C THR B 34 18.75 2.27 11.15
N ASN B 35 18.36 1.91 12.37
CA ASN B 35 19.27 1.90 13.52
C ASN B 35 18.89 0.71 14.39
N ILE B 36 19.62 -0.40 14.23
CA ILE B 36 19.32 -1.65 14.95
C ILE B 36 20.19 -1.65 16.20
N THR B 37 19.64 -1.17 17.31
CA THR B 37 20.28 -1.22 18.61
C THR B 37 19.29 -1.81 19.61
N ASP B 38 19.84 -2.24 20.75
CA ASP B 38 19.00 -2.82 21.81
C ASP B 38 18.01 -1.80 22.33
N GLU B 39 18.45 -0.55 22.52
CA GLU B 39 17.56 0.46 23.07
C GLU B 39 16.51 0.90 22.05
N ASN B 40 16.88 0.99 20.77
CA ASN B 40 15.96 1.49 19.76
C ASN B 40 14.82 0.51 19.50
N VAL B 41 15.12 -0.79 19.42
CA VAL B 41 14.06 -1.79 19.22
C VAL B 41 13.15 -1.85 20.42
N GLN B 42 13.64 -1.47 21.60
CA GLN B 42 12.81 -1.44 22.80
C GLN B 42 11.69 -0.41 22.65
N LYS B 43 12.02 0.75 22.06
CA LYS B 43 11.01 1.80 21.89
C LYS B 43 9.89 1.39 20.94
N MET B 44 10.11 0.40 20.09
CA MET B 44 9.05 -0.08 19.19
C MET B 44 7.90 -0.68 19.98
N ASN B 45 8.19 -1.39 21.07
CA ASN B 45 7.17 -2.16 21.77
C ASN B 45 6.03 -1.27 22.24
N GLU B 46 6.35 -0.13 22.85
CA GLU B 46 5.32 0.79 23.32
C GLU B 46 4.52 1.36 22.15
N ALA B 47 5.19 1.65 21.04
CA ALA B 47 4.48 2.21 19.89
C ALA B 47 3.42 1.26 19.38
N ARG B 48 3.71 -0.04 19.38
CA ARG B 48 2.72 -1.03 18.98
C ARG B 48 1.85 -1.50 20.14
N ALA B 49 2.21 -1.17 21.39
CA ALA B 49 1.39 -1.55 22.52
C ALA B 49 0.30 -0.53 22.83
N LYS B 50 0.44 0.71 22.36
CA LYS B 50 -0.60 1.72 22.53
C LYS B 50 -1.48 1.84 21.30
N TRP B 51 -1.20 1.07 20.25
CA TRP B 51 -2.11 0.97 19.11
C TRP B 51 -2.96 -0.29 19.14
N SER B 52 -2.36 -1.44 19.45
CA SER B 52 -3.13 -2.67 19.59
C SER B 52 -4.09 -2.56 20.78
N ALA B 53 -3.64 -1.99 21.89
CA ALA B 53 -4.52 -1.81 23.03
C ALA B 53 -5.61 -0.76 22.74
N PHE B 54 -5.26 0.30 22.02
CA PHE B 54 -6.23 1.34 21.72
C PHE B 54 -7.34 0.84 20.81
N TYR B 55 -7.00 -0.03 19.85
CA TYR B 55 -7.98 -0.48 18.88
C TYR B 55 -9.03 -1.40 19.48
N GLU B 56 -8.76 -1.98 20.66
CA GLU B 56 -9.67 -2.96 21.23
C GLU B 56 -10.97 -2.32 21.71
N GLU B 57 -10.88 -1.23 22.46
CA GLU B 57 -12.07 -0.59 23.01
C GLU B 57 -12.95 0.00 21.90
N GLN B 58 -12.34 0.65 20.91
CA GLN B 58 -13.09 1.22 19.82
C GLN B 58 -13.80 0.15 19.00
N SER B 59 -13.30 -1.08 19.02
CA SER B 59 -14.05 -2.18 18.43
C SER B 59 -15.25 -2.54 19.28
N ARG B 60 -15.11 -2.47 20.61
CA ARG B 60 -16.24 -2.71 21.50
C ARG B 60 -17.21 -1.53 21.51
N MET B 61 -16.68 -0.32 21.50
CA MET B 61 -17.52 0.89 21.60
C MET B 61 -18.12 1.30 20.27
N ALA B 62 -17.94 0.51 19.22
CA ALA B 62 -18.65 0.72 17.96
C ALA B 62 -19.58 -0.43 17.62
N LYS B 63 -19.58 -1.48 18.42
CA LYS B 63 -20.50 -2.60 18.27
C LYS B 63 -21.85 -2.34 18.95
N THR B 64 -21.94 -1.28 19.77
CA THR B 64 -23.16 -0.93 20.48
C THR B 64 -24.15 -0.19 19.62
N TYR B 65 -24.01 -0.29 18.29
CA TYR B 65 -24.92 0.33 17.33
C TYR B 65 -25.60 -0.77 16.53
N SER B 66 -26.34 -0.37 15.50
CA SER B 66 -27.00 -1.31 14.62
C SER B 66 -26.96 -0.78 13.19
N LEU B 67 -26.62 -1.66 12.25
CA LEU B 67 -26.27 -1.21 10.90
C LEU B 67 -27.47 -0.66 10.15
N GLU B 68 -28.65 -1.25 10.33
CA GLU B 68 -29.78 -0.92 9.47
C GLU B 68 -30.41 0.43 9.78
N GLU B 69 -29.97 1.11 10.84
CA GLU B 69 -30.41 2.48 11.11
C GLU B 69 -29.41 3.52 10.64
N ILE B 70 -28.68 3.23 9.55
CA ILE B 70 -27.83 4.20 8.90
C ILE B 70 -28.17 4.20 7.41
N GLN B 71 -28.51 5.37 6.88
CA GLN B 71 -28.94 5.48 5.50
C GLN B 71 -27.83 5.90 4.54
N ASN B 72 -26.76 6.51 5.04
CA ASN B 72 -25.64 6.87 4.17
C ASN B 72 -24.83 5.63 3.83
N LEU B 73 -24.33 5.60 2.59
CA LEU B 73 -23.49 4.48 2.15
C LEU B 73 -22.05 4.66 2.61
N THR B 74 -21.50 5.87 2.47
CA THR B 74 -20.11 6.11 2.88
C THR B 74 -19.93 5.96 4.38
N LEU B 75 -20.84 6.52 5.17
CA LEU B 75 -20.72 6.48 6.62
C LEU B 75 -20.86 5.07 7.16
N LYS B 76 -21.62 4.22 6.46
CA LYS B 76 -21.90 2.89 7.00
C LYS B 76 -20.70 1.97 6.90
N ARG B 77 -19.92 2.08 5.81
CA ARG B 77 -18.77 1.20 5.63
C ARG B 77 -17.74 1.38 6.73
N GLN B 78 -17.57 2.60 7.22
CA GLN B 78 -16.56 2.85 8.25
C GLN B 78 -16.89 2.11 9.54
N LEU B 79 -18.17 1.90 9.83
CA LEU B 79 -18.53 1.16 11.03
C LEU B 79 -18.28 -0.33 10.86
N LYS B 80 -18.56 -0.87 9.68
CA LYS B 80 -18.50 -2.32 9.48
C LYS B 80 -17.09 -2.85 9.70
N ALA B 81 -16.09 -2.13 9.20
CA ALA B 81 -14.71 -2.55 9.40
C ALA B 81 -14.32 -2.50 10.87
N LEU B 82 -14.81 -1.50 11.59
CA LEU B 82 -14.43 -1.30 12.98
C LEU B 82 -15.14 -2.24 13.94
N GLN B 83 -16.16 -2.96 13.49
CA GLN B 83 -16.91 -3.85 14.37
C GLN B 83 -16.33 -5.25 14.43
N GLN B 84 -15.32 -5.56 13.63
CA GLN B 84 -14.75 -6.90 13.61
C GLN B 84 -13.89 -7.12 14.86
N SER B 85 -14.25 -8.13 15.65
CA SER B 85 -13.60 -8.38 16.93
C SER B 85 -12.62 -9.54 16.91
N GLY B 86 -12.77 -10.47 15.98
CA GLY B 86 -11.93 -11.66 16.01
C GLY B 86 -12.29 -12.55 17.19
N THR B 87 -11.26 -13.07 17.85
CA THR B 87 -11.46 -13.96 18.99
C THR B 87 -11.82 -13.21 20.28
N SER B 88 -11.79 -11.87 20.27
CA SER B 88 -12.08 -11.12 21.48
C SER B 88 -13.54 -11.27 21.91
N VAL B 89 -14.43 -11.63 20.99
CA VAL B 89 -15.84 -11.82 21.36
C VAL B 89 -16.02 -13.14 22.10
N LEU B 90 -15.14 -14.12 21.86
CA LEU B 90 -15.22 -15.40 22.54
C LEU B 90 -14.58 -15.30 23.93
N SER B 91 -14.69 -16.39 24.69
CA SER B 91 -14.11 -16.42 26.03
C SER B 91 -12.60 -16.38 25.95
N ALA B 92 -11.99 -15.72 26.94
CA ALA B 92 -10.54 -15.60 26.95
C ALA B 92 -9.83 -16.91 27.24
N GLU B 93 -10.52 -17.88 27.87
CA GLU B 93 -9.85 -19.09 28.35
C GLU B 93 -9.81 -20.21 27.32
N LYS B 94 -10.82 -20.34 26.47
CA LYS B 94 -10.77 -21.36 25.43
C LYS B 94 -10.00 -20.88 24.20
N SER B 95 -9.72 -19.59 24.10
CA SER B 95 -8.98 -19.02 22.98
C SER B 95 -7.66 -18.39 23.43
N LYS B 96 -7.12 -18.83 24.56
CA LYS B 96 -5.82 -18.34 25.03
C LYS B 96 -4.68 -19.12 24.37
N ARG B 97 -4.85 -20.42 24.17
CA ARG B 97 -3.83 -21.23 23.53
C ARG B 97 -3.83 -21.11 22.01
N LEU B 98 -4.88 -20.51 21.42
CA LEU B 98 -4.92 -20.34 19.98
C LEU B 98 -3.80 -19.43 19.50
N ASN B 99 -3.47 -18.39 20.27
CA ASN B 99 -2.28 -17.60 19.99
C ASN B 99 -1.03 -18.44 20.16
N THR B 100 -0.99 -19.28 21.21
CA THR B 100 0.23 -20.00 21.55
C THR B 100 0.62 -20.99 20.45
N ILE B 101 -0.37 -21.63 19.82
CA ILE B 101 -0.05 -22.56 18.74
C ILE B 101 0.45 -21.82 17.51
N LEU B 102 -0.15 -20.67 17.21
CA LEU B 102 0.16 -19.97 15.96
C LEU B 102 1.62 -19.50 15.92
N ASN B 103 2.06 -18.80 16.96
CA ASN B 103 3.42 -18.30 16.97
C ASN B 103 4.44 -19.42 17.18
N THR B 104 4.02 -20.55 17.74
CA THR B 104 4.92 -21.69 17.88
C THR B 104 5.28 -22.28 16.52
N MET B 105 4.33 -22.29 15.59
CA MET B 105 4.58 -22.84 14.27
C MET B 105 5.67 -22.06 13.53
N SER B 106 5.63 -20.72 13.63
CA SER B 106 6.61 -19.91 12.92
C SER B 106 8.01 -20.06 13.51
N THR B 107 8.10 -20.36 14.81
CA THR B 107 9.41 -20.55 15.43
C THR B 107 10.14 -21.74 14.84
N ILE B 108 9.42 -22.84 14.60
CA ILE B 108 10.05 -24.05 14.08
C ILE B 108 10.53 -23.83 12.65
N TYR B 109 9.74 -23.12 11.84
CA TYR B 109 10.14 -22.86 10.46
C TYR B 109 11.43 -22.05 10.41
N SER B 110 11.57 -21.06 11.29
CA SER B 110 12.79 -20.25 11.33
C SER B 110 14.01 -21.10 11.69
N THR B 111 13.85 -22.03 12.63
CA THR B 111 14.94 -22.89 13.09
C THR B 111 14.86 -24.21 12.34
N GLY B 112 15.54 -24.28 11.20
CA GLY B 112 15.59 -25.50 10.42
C GLY B 112 16.91 -25.67 9.70
N LYS B 113 17.57 -26.81 9.91
CA LYS B 113 18.87 -27.08 9.31
C LYS B 113 18.84 -28.41 8.59
N VAL B 114 19.40 -28.44 7.37
CA VAL B 114 19.55 -29.66 6.60
C VAL B 114 21.05 -29.93 6.44
N LEU B 115 21.50 -31.06 6.95
CA LEU B 115 22.92 -31.39 6.93
C LEU B 115 23.31 -31.98 5.57
N ASP B 116 24.53 -32.46 5.48
CA ASP B 116 25.10 -33.08 4.30
C ASP B 116 25.76 -34.39 4.70
N PRO B 117 25.98 -35.31 3.76
CA PRO B 117 26.58 -36.60 4.12
C PRO B 117 27.96 -36.43 4.77
N ASN B 118 28.22 -37.32 5.73
CA ASN B 118 29.41 -37.35 6.58
C ASN B 118 29.43 -36.22 7.61
N THR B 119 28.44 -35.32 7.54
CA THR B 119 28.31 -34.21 8.49
C THR B 119 29.60 -33.39 8.55
N GLN B 120 30.14 -33.07 7.37
CA GLN B 120 31.37 -32.29 7.31
C GLN B 120 31.17 -30.90 7.91
N GLU B 121 30.06 -30.25 7.60
CA GLU B 121 29.72 -28.95 8.16
C GLU B 121 28.23 -28.71 7.96
N CYS B 122 27.71 -27.72 8.66
CA CYS B 122 26.28 -27.43 8.66
C CYS B 122 25.93 -26.39 7.59
N LEU B 123 24.66 -26.43 7.17
CA LEU B 123 24.14 -25.52 6.17
C LEU B 123 22.82 -24.93 6.65
N ALA B 124 22.47 -23.76 6.11
CA ALA B 124 21.22 -23.10 6.41
C ALA B 124 20.61 -22.59 5.12
N LEU B 125 19.29 -22.37 5.15
CA LEU B 125 18.58 -21.95 3.95
C LEU B 125 19.05 -20.59 3.45
N GLU B 126 19.20 -19.62 4.36
CA GLU B 126 19.61 -18.29 3.93
C GLU B 126 21.07 -18.05 4.31
N PRO B 127 21.99 -17.94 3.34
CA PRO B 127 21.69 -18.16 1.92
C PRO B 127 22.23 -19.49 1.37
N GLY B 128 22.81 -20.31 2.26
CA GLY B 128 23.60 -21.44 1.79
C GLY B 128 22.81 -22.50 1.07
N LEU B 129 21.72 -22.97 1.67
CA LEU B 129 20.97 -24.06 1.06
C LEU B 129 20.24 -23.59 -0.19
N ASP B 130 19.68 -22.38 -0.15
CA ASP B 130 19.02 -21.84 -1.34
C ASP B 130 20.02 -21.61 -2.48
N ASP B 131 21.28 -21.35 -2.14
CA ASP B 131 22.28 -21.10 -3.18
C ASP B 131 22.48 -22.33 -4.06
N ILE B 132 22.49 -23.52 -3.46
CA ILE B 132 22.70 -24.77 -4.20
C ILE B 132 21.40 -25.54 -4.41
N MET B 133 20.25 -24.87 -4.24
CA MET B 133 18.98 -25.57 -4.40
C MET B 133 18.82 -26.08 -5.83
N GLU B 134 19.02 -25.21 -6.81
CA GLU B 134 18.91 -25.59 -8.22
C GLU B 134 19.99 -24.94 -9.07
N ASN B 135 21.16 -24.69 -8.47
CA ASN B 135 22.33 -24.18 -9.17
C ASN B 135 23.10 -25.31 -9.86
N SER B 136 22.79 -26.56 -9.53
CA SER B 136 23.50 -27.72 -10.06
C SER B 136 22.50 -28.67 -10.71
N ARG B 137 23.04 -29.66 -11.42
CA ARG B 137 22.24 -30.59 -12.20
C ARG B 137 22.57 -32.03 -11.79
N ASP B 138 22.60 -32.28 -10.49
CA ASP B 138 22.85 -33.61 -9.93
C ASP B 138 21.52 -34.17 -9.44
N TYR B 139 20.97 -35.16 -10.16
CA TYR B 139 19.67 -35.70 -9.80
C TYR B 139 19.69 -36.32 -8.42
N ASN B 140 20.70 -37.14 -8.13
CA ASN B 140 20.76 -37.81 -6.84
C ASN B 140 20.87 -36.80 -5.70
N ARG B 141 21.67 -35.74 -5.90
CA ARG B 141 21.72 -34.67 -4.91
C ARG B 141 20.40 -33.90 -4.85
N ARG B 142 19.72 -33.75 -5.98
CA ARG B 142 18.39 -33.13 -5.97
C ARG B 142 17.42 -33.92 -5.12
N LEU B 143 17.46 -35.25 -5.23
CA LEU B 143 16.55 -36.09 -4.44
C LEU B 143 16.81 -35.93 -2.96
N TRP B 144 18.08 -35.90 -2.56
CA TRP B 144 18.42 -35.67 -1.16
C TRP B 144 17.97 -34.29 -0.70
N ALA B 145 18.09 -33.30 -1.59
CA ALA B 145 17.76 -31.92 -1.21
C ALA B 145 16.28 -31.76 -0.94
N TRP B 146 15.43 -32.41 -1.71
CA TRP B 146 13.99 -32.23 -1.54
C TRP B 146 13.48 -32.96 -0.30
N GLU B 147 13.69 -34.26 -0.22
CA GLU B 147 13.17 -35.05 0.89
C GLU B 147 13.79 -34.66 2.22
N GLY B 148 15.01 -34.12 2.20
CA GLY B 148 15.65 -33.72 3.44
C GLY B 148 14.87 -32.63 4.16
N TRP B 149 14.41 -31.63 3.41
CA TRP B 149 13.61 -30.57 4.03
C TRP B 149 12.22 -31.07 4.39
N ARG B 150 11.64 -31.94 3.55
CA ARG B 150 10.32 -32.48 3.84
C ARG B 150 10.34 -33.34 5.09
N ALA B 151 11.41 -34.09 5.30
CA ALA B 151 11.49 -34.97 6.47
C ALA B 151 11.72 -34.19 7.76
N GLU B 152 12.58 -33.17 7.71
CA GLU B 152 13.04 -32.52 8.94
C GLU B 152 11.93 -31.71 9.60
N VAL B 153 11.24 -30.87 8.83
CA VAL B 153 10.28 -29.95 9.39
C VAL B 153 8.83 -30.36 9.13
N GLY B 154 8.54 -30.99 8.00
CA GLY B 154 7.17 -31.38 7.70
C GLY B 154 6.59 -32.39 8.66
N LYS B 155 7.44 -33.17 9.32
CA LYS B 155 6.96 -34.18 10.27
C LYS B 155 6.50 -33.55 11.57
N GLN B 156 7.18 -32.48 12.00
CA GLN B 156 6.91 -31.93 13.33
C GLN B 156 5.59 -31.16 13.36
N LEU B 157 5.22 -30.52 12.26
CA LEU B 157 4.10 -29.59 12.24
C LEU B 157 2.74 -30.26 12.03
N ARG B 158 2.71 -31.56 11.76
CA ARG B 158 1.42 -32.21 11.46
C ARG B 158 0.46 -32.17 12.64
N PRO B 159 0.83 -32.55 13.87
CA PRO B 159 -0.12 -32.39 14.98
C PRO B 159 -0.52 -30.95 15.23
N LEU B 160 0.38 -30.00 14.96
CA LEU B 160 0.14 -28.60 15.26
C LEU B 160 -0.65 -27.90 14.16
N TYR B 161 -1.25 -28.64 13.24
CA TYR B 161 -2.08 -28.05 12.19
C TYR B 161 -3.52 -28.48 12.28
N GLU B 162 -3.78 -29.73 12.66
CA GLU B 162 -5.16 -30.16 12.88
C GLU B 162 -5.78 -29.40 14.05
N GLU B 163 -5.01 -29.19 15.12
CA GLU B 163 -5.49 -28.35 16.21
C GLU B 163 -5.65 -26.91 15.76
N TYR B 164 -4.79 -26.45 14.85
CA TYR B 164 -4.94 -25.11 14.29
C TYR B 164 -6.25 -24.96 13.52
N VAL B 165 -6.59 -25.96 12.72
CA VAL B 165 -7.82 -25.89 11.94
C VAL B 165 -9.04 -25.99 12.83
N VAL B 166 -9.05 -26.96 13.75
CA VAL B 166 -10.25 -27.24 14.52
C VAL B 166 -10.57 -26.11 15.48
N LEU B 167 -9.56 -25.60 16.20
CA LEU B 167 -9.80 -24.55 17.18
C LEU B 167 -10.28 -23.26 16.51
N GLU B 168 -9.65 -22.89 15.40
CA GLU B 168 -9.94 -21.60 14.77
C GLU B 168 -11.14 -21.64 13.82
N ASN B 169 -11.56 -22.83 13.39
CA ASN B 169 -12.77 -22.93 12.58
C ASN B 169 -13.98 -22.41 13.34
N GLU B 170 -14.07 -22.74 14.64
CA GLU B 170 -15.17 -22.24 15.46
C GLU B 170 -15.12 -20.72 15.63
N MET B 171 -13.95 -20.11 15.45
CA MET B 171 -13.87 -18.66 15.50
C MET B 171 -14.69 -18.03 14.37
N ALA B 172 -14.66 -18.64 13.18
CA ALA B 172 -15.47 -18.15 12.08
C ALA B 172 -16.96 -18.26 12.39
N ARG B 173 -17.35 -19.32 13.08
CA ARG B 173 -18.74 -19.47 13.50
C ARG B 173 -19.11 -18.49 14.61
N ALA B 174 -18.14 -17.83 15.22
CA ALA B 174 -18.41 -16.78 16.21
C ALA B 174 -18.69 -15.44 15.56
N ASN B 175 -18.12 -15.19 14.38
CA ASN B 175 -18.35 -13.96 13.65
C ASN B 175 -19.48 -14.09 12.64
N ASN B 176 -20.35 -15.09 12.79
CA ASN B 176 -21.43 -15.33 11.83
C ASN B 176 -20.79 -15.61 10.47
N TYR B 177 -20.19 -16.79 10.34
CA TYR B 177 -19.64 -17.24 9.07
C TYR B 177 -19.82 -18.75 8.98
N GLU B 178 -19.80 -19.26 7.74
CA GLU B 178 -19.96 -20.70 7.53
C GLU B 178 -18.67 -21.46 7.88
N ASP B 179 -17.60 -21.18 7.14
CA ASP B 179 -16.32 -21.83 7.36
C ASP B 179 -15.23 -20.76 7.37
N TYR B 180 -14.06 -21.13 7.89
CA TYR B 180 -12.95 -20.19 7.96
C TYR B 180 -12.48 -19.77 6.57
N GLY B 181 -12.65 -20.65 5.58
CA GLY B 181 -12.27 -20.30 4.22
C GLY B 181 -13.05 -19.12 3.67
N ASP B 182 -14.32 -19.00 4.05
CA ASP B 182 -15.13 -17.88 3.58
C ASP B 182 -14.74 -16.57 4.25
N TYR B 183 -14.18 -16.63 5.45
CA TYR B 183 -13.69 -15.41 6.09
C TYR B 183 -12.57 -14.79 5.28
N TRP B 184 -11.66 -15.62 4.76
CA TRP B 184 -10.60 -15.14 3.89
C TRP B 184 -11.15 -14.64 2.56
N ARG B 185 -12.37 -15.01 2.22
CA ARG B 185 -13.01 -14.63 0.97
C ARG B 185 -13.85 -13.37 1.09
N GLY B 186 -13.89 -12.75 2.28
CA GLY B 186 -14.72 -11.59 2.51
C GLY B 186 -14.14 -10.27 2.05
N ASP B 187 -12.90 -10.25 1.57
CA ASP B 187 -12.32 -9.05 1.03
C ASP B 187 -12.81 -8.73 -0.38
N TYR B 188 -13.42 -9.70 -1.06
CA TYR B 188 -13.98 -9.50 -2.39
C TYR B 188 -15.50 -9.50 -2.39
N GLU B 189 -16.11 -9.18 -1.25
CA GLU B 189 -17.56 -9.20 -1.08
C GLU B 189 -18.07 -7.78 -0.94
N VAL B 190 -19.11 -7.43 -1.69
CA VAL B 190 -19.79 -6.14 -1.58
C VAL B 190 -21.29 -6.35 -1.74
N THR B 191 -22.07 -5.73 -0.86
CA THR B 191 -23.52 -5.87 -0.88
C THR B 191 -24.17 -4.50 -0.78
N GLU B 192 -25.47 -4.47 -1.10
CA GLU B 192 -26.30 -3.27 -1.01
C GLU B 192 -25.75 -2.13 -1.86
N ALA B 193 -25.42 -2.47 -3.11
CA ALA B 193 -25.01 -1.47 -4.11
C ALA B 193 -25.40 -2.04 -5.47
N GLY B 194 -26.54 -1.61 -5.98
CA GLY B 194 -27.17 -2.24 -7.13
C GLY B 194 -26.29 -2.42 -8.34
N ASP B 195 -26.40 -3.58 -9.00
CA ASP B 195 -25.67 -3.92 -10.22
C ASP B 195 -24.17 -4.06 -9.95
N TYR B 196 -23.74 -3.88 -8.71
CA TYR B 196 -22.35 -3.99 -8.28
C TYR B 196 -22.23 -4.94 -7.10
N ASP B 197 -22.96 -6.06 -7.16
CA ASP B 197 -22.96 -7.03 -6.08
C ASP B 197 -21.92 -8.12 -6.36
N TYR B 198 -21.11 -8.44 -5.36
CA TYR B 198 -20.16 -9.53 -5.45
C TYR B 198 -20.25 -10.36 -4.17
N SER B 199 -20.27 -11.67 -4.31
CA SER B 199 -20.45 -12.59 -3.21
C SER B 199 -19.22 -13.45 -3.02
N ARG B 200 -19.10 -14.01 -1.81
CA ARG B 200 -18.01 -14.94 -1.54
C ARG B 200 -18.12 -16.18 -2.41
N ASP B 201 -19.34 -16.70 -2.59
CA ASP B 201 -19.55 -17.88 -3.41
C ASP B 201 -19.19 -17.65 -4.86
N GLN B 202 -19.22 -16.41 -5.32
CA GLN B 202 -18.93 -16.10 -6.71
C GLN B 202 -17.43 -16.16 -7.00
N LEU B 203 -16.59 -15.90 -5.99
CA LEU B 203 -15.14 -15.88 -6.22
C LEU B 203 -14.59 -17.26 -6.59
N MET B 204 -15.30 -18.34 -6.27
CA MET B 204 -14.93 -19.64 -6.78
C MET B 204 -15.39 -19.85 -8.22
N LYS B 205 -16.42 -19.13 -8.66
CA LYS B 205 -16.92 -19.29 -10.02
C LYS B 205 -15.96 -18.71 -11.04
N ASP B 206 -15.60 -17.43 -10.89
CA ASP B 206 -14.77 -16.77 -11.90
C ASP B 206 -13.36 -17.36 -11.94
N VAL B 207 -12.79 -17.68 -10.78
CA VAL B 207 -11.43 -18.22 -10.73
C VAL B 207 -11.34 -19.53 -11.50
N GLU B 208 -12.33 -20.41 -11.32
CA GLU B 208 -12.34 -21.67 -12.06
C GLU B 208 -12.50 -21.43 -13.56
N ASN B 209 -13.34 -20.47 -13.95
CA ASN B 209 -13.50 -20.17 -15.37
C ASN B 209 -12.32 -19.40 -15.94
N THR B 210 -11.70 -18.52 -15.15
CA THR B 210 -10.57 -17.75 -15.65
C THR B 210 -9.35 -18.64 -15.88
N PHE B 211 -9.19 -19.69 -15.07
CA PHE B 211 -8.11 -20.65 -15.31
C PHE B 211 -8.44 -21.59 -16.45
N ALA B 212 -9.72 -21.74 -16.79
CA ALA B 212 -10.09 -22.60 -17.91
C ALA B 212 -9.56 -22.06 -19.23
N GLU B 213 -9.37 -20.75 -19.34
CA GLU B 213 -8.85 -20.13 -20.55
C GLU B 213 -7.35 -19.91 -20.51
N ILE B 214 -6.67 -20.28 -19.42
CA ILE B 214 -5.23 -20.11 -19.29
C ILE B 214 -4.55 -21.43 -19.62
N LYS B 215 -5.26 -22.54 -19.42
CA LYS B 215 -4.70 -23.85 -19.68
C LYS B 215 -4.14 -24.03 -21.08
N PRO B 216 -4.76 -23.54 -22.16
CA PRO B 216 -4.12 -23.68 -23.48
C PRO B 216 -2.72 -23.11 -23.54
N LEU B 217 -2.46 -21.99 -22.86
CA LEU B 217 -1.12 -21.45 -22.79
C LEU B 217 -0.21 -22.36 -21.95
N TYR B 218 -0.70 -22.79 -20.79
CA TYR B 218 0.10 -23.65 -19.93
C TYR B 218 0.30 -25.03 -20.53
N GLU B 219 -0.65 -25.50 -21.35
CA GLU B 219 -0.52 -26.82 -21.96
C GLU B 219 0.70 -26.89 -22.88
N GLN B 220 0.89 -25.87 -23.71
CA GLN B 220 2.02 -25.86 -24.63
C GLN B 220 3.32 -25.47 -23.95
N LEU B 221 3.26 -24.66 -22.89
CA LEU B 221 4.48 -24.29 -22.18
C LEU B 221 5.12 -25.50 -21.51
N HIS B 222 4.30 -26.43 -21.01
CA HIS B 222 4.84 -27.62 -20.37
C HIS B 222 5.64 -28.46 -21.37
N ALA B 223 5.15 -28.57 -22.60
CA ALA B 223 5.81 -29.40 -23.59
C ALA B 223 7.21 -28.89 -23.91
N TYR B 224 7.37 -27.57 -24.04
CA TYR B 224 8.66 -27.02 -24.42
C TYR B 224 9.71 -27.27 -23.36
N VAL B 225 9.37 -27.00 -22.09
CA VAL B 225 10.34 -27.18 -21.02
C VAL B 225 10.67 -28.66 -20.84
N ARG B 226 9.66 -29.52 -20.95
CA ARG B 226 9.89 -30.96 -20.81
C ARG B 226 10.81 -31.48 -21.92
N ALA B 227 10.63 -31.00 -23.15
CA ALA B 227 11.45 -31.48 -24.26
C ALA B 227 12.92 -31.14 -24.06
N LYS B 228 13.21 -29.91 -23.63
CA LYS B 228 14.60 -29.49 -23.45
C LYS B 228 15.20 -29.94 -22.13
N LEU B 229 14.36 -30.25 -21.13
CA LEU B 229 14.87 -30.79 -19.89
C LEU B 229 15.27 -32.25 -20.04
N MET B 230 14.83 -32.91 -21.11
CA MET B 230 15.24 -34.29 -21.37
C MET B 230 16.73 -34.39 -21.66
N ASP B 231 17.33 -33.33 -22.22
CA ASP B 231 18.76 -33.37 -22.53
C ASP B 231 19.60 -33.49 -21.27
N THR B 232 19.27 -32.73 -20.23
CA THR B 232 20.05 -32.77 -19.00
C THR B 232 19.81 -34.08 -18.23
N TYR B 233 18.56 -34.52 -18.14
CA TYR B 233 18.20 -35.77 -17.48
C TYR B 233 17.53 -36.66 -18.52
N PRO B 234 18.29 -37.53 -19.20
CA PRO B 234 17.71 -38.36 -20.26
C PRO B 234 17.08 -39.66 -19.81
N SER B 235 17.27 -40.08 -18.56
CA SER B 235 16.82 -41.38 -18.10
C SER B 235 15.54 -41.33 -17.28
N TYR B 236 15.11 -40.15 -16.85
CA TYR B 236 14.05 -40.06 -15.85
C TYR B 236 12.84 -39.26 -16.32
N ILE B 237 12.79 -38.84 -17.57
CA ILE B 237 11.63 -38.12 -18.12
C ILE B 237 11.19 -38.87 -19.38
N SER B 238 9.99 -39.44 -19.34
CA SER B 238 9.44 -40.11 -20.49
C SER B 238 8.92 -39.09 -21.50
N PRO B 239 8.89 -39.44 -22.78
CA PRO B 239 8.28 -38.54 -23.78
C PRO B 239 6.89 -38.06 -23.42
N THR B 240 6.10 -38.88 -22.74
CA THR B 240 4.73 -38.51 -22.35
C THR B 240 4.57 -38.81 -20.87
N GLY B 241 4.65 -37.77 -20.04
CA GLY B 241 4.49 -37.93 -18.61
C GLY B 241 4.63 -36.60 -17.91
N CYS B 242 4.39 -36.63 -16.60
CA CYS B 242 4.46 -35.43 -15.78
C CYS B 242 5.90 -35.11 -15.41
N LEU B 243 6.17 -33.83 -15.22
CA LEU B 243 7.49 -33.39 -14.80
C LEU B 243 7.78 -33.86 -13.38
N PRO B 244 9.01 -34.28 -13.09
CA PRO B 244 9.38 -34.54 -11.70
C PRO B 244 9.33 -33.27 -10.87
N ALA B 245 9.08 -33.45 -9.58
CA ALA B 245 8.85 -32.33 -8.68
C ALA B 245 10.13 -31.77 -8.07
N HIS B 246 11.29 -32.27 -8.45
CA HIS B 246 12.56 -31.78 -7.93
C HIS B 246 13.51 -31.27 -9.00
N LEU B 247 13.05 -31.10 -10.24
CA LEU B 247 13.82 -30.45 -11.28
C LEU B 247 13.35 -29.03 -11.55
N LEU B 248 12.58 -28.45 -10.65
CA LEU B 248 12.06 -27.10 -10.79
C LEU B 248 12.91 -26.16 -9.94
N GLY B 249 13.15 -24.96 -10.47
CA GLY B 249 14.09 -24.04 -9.85
C GLY B 249 13.63 -23.40 -8.56
N ASP B 250 13.24 -24.21 -7.59
CA ASP B 250 12.81 -23.74 -6.27
C ASP B 250 12.61 -24.94 -5.38
N MET B 251 12.67 -24.71 -4.07
CA MET B 251 12.41 -25.79 -3.13
C MET B 251 10.96 -26.24 -3.18
N TRP B 252 10.03 -25.33 -3.48
CA TRP B 252 8.62 -25.66 -3.61
C TRP B 252 8.13 -25.65 -5.04
N GLY B 253 8.83 -24.99 -5.95
CA GLY B 253 8.40 -24.90 -7.33
C GLY B 253 7.46 -23.77 -7.65
N ARG B 254 7.56 -22.65 -6.93
CA ARG B 254 6.64 -21.55 -7.15
C ARG B 254 6.92 -20.83 -8.46
N PHE B 255 8.12 -20.27 -8.61
CA PHE B 255 8.53 -19.58 -9.82
C PHE B 255 9.45 -20.46 -10.64
N TRP B 256 9.17 -20.57 -11.93
CA TRP B 256 10.06 -21.28 -12.85
C TRP B 256 11.15 -20.35 -13.38
N THR B 257 11.81 -19.62 -12.47
CA THR B 257 12.74 -18.57 -12.86
C THR B 257 14.16 -19.09 -13.07
N ASN B 258 14.63 -19.99 -12.21
CA ASN B 258 15.99 -20.50 -12.32
C ASN B 258 16.09 -21.62 -13.35
N LEU B 259 15.57 -21.38 -14.55
CA LEU B 259 15.64 -22.36 -15.62
C LEU B 259 15.96 -21.72 -16.98
N TYR B 260 16.27 -20.42 -17.01
CA TYR B 260 16.49 -19.78 -18.30
C TYR B 260 17.74 -20.32 -19.00
N SER B 261 18.80 -20.57 -18.24
CA SER B 261 20.03 -21.08 -18.85
C SER B 261 19.80 -22.45 -19.48
N LEU B 262 18.98 -23.29 -18.85
CA LEU B 262 18.68 -24.61 -19.38
C LEU B 262 17.56 -24.59 -20.42
N THR B 263 16.91 -23.45 -20.62
CA THR B 263 15.80 -23.36 -21.57
C THR B 263 15.88 -22.14 -22.47
N VAL B 264 17.07 -21.56 -22.62
CA VAL B 264 17.22 -20.40 -23.52
C VAL B 264 17.10 -20.87 -24.97
N PRO B 265 16.28 -20.21 -25.79
CA PRO B 265 16.14 -20.64 -27.18
C PRO B 265 17.38 -20.40 -28.02
N PHE B 266 17.87 -19.15 -27.99
CA PHE B 266 19.00 -18.73 -28.83
C PHE B 266 20.15 -18.33 -27.93
N LYS B 267 21.29 -19.02 -28.08
CA LYS B 267 22.48 -18.75 -27.30
C LYS B 267 23.53 -17.95 -28.05
N HIS B 268 23.17 -17.40 -29.22
CA HIS B 268 24.10 -16.58 -29.99
C HIS B 268 23.75 -15.11 -30.01
N LYS B 269 22.52 -14.74 -29.68
CA LYS B 269 22.10 -13.34 -29.63
C LYS B 269 21.75 -12.96 -28.20
N PRO B 270 22.61 -12.22 -27.51
CA PRO B 270 22.33 -11.89 -26.11
C PRO B 270 21.11 -10.99 -25.96
N SER B 271 20.41 -11.16 -24.84
CA SER B 271 19.30 -10.29 -24.51
C SER B 271 19.81 -8.90 -24.17
N ILE B 272 18.98 -7.88 -24.43
CA ILE B 272 19.39 -6.51 -24.22
C ILE B 272 19.52 -6.23 -22.72
N ASP B 273 20.67 -5.69 -22.32
CA ASP B 273 20.91 -5.34 -20.93
C ASP B 273 21.97 -4.24 -20.91
N VAL B 274 21.66 -3.13 -20.25
CA VAL B 274 22.57 -2.00 -20.19
C VAL B 274 22.97 -1.81 -18.73
N THR B 275 24.18 -2.23 -18.39
CA THR B 275 24.74 -2.02 -17.06
C THR B 275 26.10 -1.36 -17.21
N GLU B 276 26.81 -1.71 -18.28
CA GLU B 276 28.10 -1.09 -18.58
C GLU B 276 27.93 0.30 -19.19
N LYS B 277 26.94 0.48 -20.07
CA LYS B 277 26.71 1.80 -20.65
C LYS B 277 26.29 2.80 -19.58
N MET B 278 25.51 2.37 -18.60
CA MET B 278 25.23 3.23 -17.46
C MET B 278 26.45 3.44 -16.61
N LYS B 279 27.32 2.44 -16.51
CA LYS B 279 28.55 2.53 -15.75
C LYS B 279 29.63 3.34 -16.47
N ASN B 280 29.28 3.98 -17.59
CA ASN B 280 30.22 4.79 -18.35
C ASN B 280 30.17 6.25 -17.93
N GLN B 281 28.97 6.81 -17.80
CA GLN B 281 28.81 8.24 -17.54
C GLN B 281 28.71 8.55 -16.04
N SER B 282 29.63 7.98 -15.25
CA SER B 282 29.76 8.26 -13.83
C SER B 282 28.40 8.38 -13.14
N TRP B 283 27.58 7.36 -13.31
CA TRP B 283 26.20 7.39 -12.84
C TRP B 283 26.13 7.14 -11.33
N ASP B 284 25.27 7.90 -10.65
CA ASP B 284 25.13 7.82 -9.20
C ASP B 284 23.70 7.46 -8.83
N ALA B 285 23.47 7.30 -7.53
CA ALA B 285 22.17 6.86 -7.04
C ALA B 285 21.09 7.91 -7.29
N GLU B 286 21.42 9.19 -7.10
CA GLU B 286 20.42 10.24 -7.23
C GLU B 286 19.87 10.33 -8.64
N ARG B 287 20.73 10.14 -9.65
CA ARG B 287 20.29 10.27 -11.04
C ARG B 287 19.25 9.22 -11.38
N ILE B 288 19.38 8.02 -10.82
CA ILE B 288 18.40 6.95 -11.06
C ILE B 288 17.04 7.37 -10.52
N PHE B 289 17.02 7.97 -9.33
CA PHE B 289 15.76 8.38 -8.71
C PHE B 289 15.24 9.70 -9.27
N LYS B 290 15.98 10.36 -10.15
CA LYS B 290 15.51 11.60 -10.77
C LYS B 290 14.83 11.33 -12.11
N GLU B 291 15.37 10.39 -12.89
CA GLU B 291 14.72 9.99 -14.13
C GLU B 291 13.43 9.20 -13.88
N ALA B 292 13.25 8.68 -12.66
CA ALA B 292 11.98 8.06 -12.33
C ALA B 292 10.85 9.09 -12.32
N GLU B 293 11.14 10.31 -11.88
CA GLU B 293 10.15 11.37 -11.93
C GLU B 293 9.75 11.71 -13.36
N LYS B 294 10.72 11.77 -14.27
CA LYS B 294 10.44 12.20 -15.63
C LYS B 294 9.46 11.27 -16.33
N PHE B 295 9.43 10.00 -15.95
CA PHE B 295 8.36 9.13 -16.42
C PHE B 295 7.02 9.56 -15.85
N PHE B 296 6.99 9.95 -14.57
CA PHE B 296 5.76 10.33 -13.90
C PHE B 296 5.38 11.78 -14.13
N VAL B 297 6.36 12.68 -14.30
CA VAL B 297 6.04 14.08 -14.53
C VAL B 297 5.53 14.30 -15.95
N SER B 298 6.10 13.59 -16.92
CA SER B 298 5.69 13.71 -18.31
C SER B 298 4.47 12.88 -18.66
N ILE B 299 3.72 12.44 -17.64
CA ILE B 299 2.48 11.69 -17.86
C ILE B 299 1.38 12.40 -17.10
N SER B 300 1.71 13.59 -16.57
CA SER B 300 0.86 14.54 -15.84
C SER B 300 0.66 14.15 -14.38
N LEU B 301 1.31 13.11 -13.88
CA LEU B 301 1.24 12.79 -12.46
C LEU B 301 2.08 13.78 -11.67
N PRO B 302 1.75 14.00 -10.40
CA PRO B 302 2.41 15.07 -9.63
C PRO B 302 3.88 14.79 -9.37
N HIS B 303 4.56 15.81 -8.84
CA HIS B 303 5.93 15.70 -8.38
C HIS B 303 5.93 15.05 -6.99
N MET B 304 7.09 15.04 -6.34
CA MET B 304 7.23 14.55 -4.98
C MET B 304 7.69 15.68 -4.08
N THR B 305 7.17 15.70 -2.85
CA THR B 305 7.50 16.76 -1.92
C THR B 305 8.99 16.73 -1.56
N GLN B 306 9.49 17.86 -1.07
CA GLN B 306 10.90 17.97 -0.73
C GLN B 306 11.29 17.04 0.41
N GLY B 307 10.32 16.56 1.18
CA GLY B 307 10.61 15.60 2.23
C GLY B 307 11.05 14.24 1.72
N PHE B 308 10.77 13.95 0.45
CA PHE B 308 11.25 12.71 -0.16
C PHE B 308 12.76 12.70 -0.28
N TRP B 309 13.38 13.87 -0.48
CA TRP B 309 14.77 13.95 -0.87
C TRP B 309 15.75 14.08 0.30
N ASP B 310 15.26 14.28 1.52
CA ASP B 310 16.14 14.46 2.66
C ASP B 310 15.95 13.42 3.75
N ASN B 311 14.72 13.06 4.08
CA ASN B 311 14.46 12.09 5.13
C ASN B 311 14.56 10.65 4.67
N SER B 312 14.60 10.41 3.37
CA SER B 312 14.61 9.06 2.83
C SER B 312 16.03 8.57 2.60
N MET B 313 16.22 7.26 2.71
CA MET B 313 17.48 6.61 2.40
C MET B 313 17.41 6.09 0.97
N LEU B 314 18.27 6.62 0.11
CA LEU B 314 18.31 6.22 -1.29
C LEU B 314 19.64 5.60 -1.66
N THR B 315 20.44 5.20 -0.67
CA THR B 315 21.74 4.60 -0.93
C THR B 315 22.18 3.86 0.33
N GLU B 316 23.27 3.11 0.19
CA GLU B 316 23.83 2.42 1.34
C GLU B 316 24.32 3.43 2.37
N PRO B 317 24.16 3.14 3.67
CA PRO B 317 24.59 4.13 4.68
C PRO B 317 26.08 4.44 4.63
N GLY B 318 26.91 3.45 4.33
CA GLY B 318 28.35 3.66 4.25
C GLY B 318 29.06 3.75 5.59
N ASP B 319 28.35 3.57 6.69
CA ASP B 319 28.92 3.66 8.03
C ASP B 319 28.80 2.30 8.71
N GLY B 320 29.09 2.27 10.01
CA GLY B 320 28.95 1.07 10.81
C GLY B 320 27.53 0.71 11.15
N ARG B 321 26.57 1.50 10.68
CA ARG B 321 25.16 1.21 10.93
C ARG B 321 24.75 -0.10 10.25
N LYS B 322 23.85 -0.82 10.90
CA LYS B 322 23.30 -2.06 10.35
C LYS B 322 21.82 -1.84 10.03
N VAL B 323 21.45 -2.05 8.76
CA VAL B 323 20.09 -1.85 8.28
C VAL B 323 19.70 -3.04 7.42
N VAL B 324 18.43 -3.08 7.03
CA VAL B 324 17.92 -4.08 6.11
C VAL B 324 17.82 -3.45 4.73
N CYS B 325 18.32 -4.15 3.72
CA CYS B 325 18.48 -3.60 2.38
C CYS B 325 17.32 -3.95 1.43
N HIS B 326 16.27 -4.57 1.93
CA HIS B 326 15.13 -4.88 1.08
C HIS B 326 14.36 -3.60 0.75
N PRO B 327 14.08 -3.32 -0.53
CA PRO B 327 13.37 -2.09 -0.88
C PRO B 327 11.96 -2.07 -0.32
N THR B 328 11.50 -0.88 0.06
CA THR B 328 10.18 -0.70 0.65
C THR B 328 9.75 0.75 0.50
N ALA B 329 8.48 0.95 0.14
CA ALA B 329 7.87 2.28 0.08
C ALA B 329 7.03 2.48 1.32
N TRP B 330 7.32 3.54 2.07
CA TRP B 330 6.68 3.81 3.34
C TRP B 330 5.71 4.98 3.21
N ASP B 331 4.62 4.90 3.97
CA ASP B 331 3.63 5.97 4.09
C ASP B 331 3.44 6.20 5.58
N LEU B 332 4.26 7.07 6.17
CA LEU B 332 4.17 7.35 7.59
C LEU B 332 2.90 8.13 7.94
N GLY B 333 2.23 8.71 6.95
CA GLY B 333 1.03 9.47 7.19
C GLY B 333 1.31 10.93 7.48
N LYS B 334 0.22 11.72 7.43
CA LYS B 334 0.28 13.15 7.70
C LYS B 334 1.26 13.86 6.77
N GLY B 335 1.25 13.48 5.50
CA GLY B 335 2.05 14.16 4.48
C GLY B 335 3.49 13.73 4.38
N ASP B 336 3.91 12.70 5.13
CA ASP B 336 5.28 12.23 5.13
C ASP B 336 5.38 10.99 4.24
N PHE B 337 6.19 11.08 3.19
CA PHE B 337 6.39 9.98 2.25
C PHE B 337 7.89 9.72 2.12
N ARG B 338 8.28 8.45 2.24
CA ARG B 338 9.68 8.06 2.23
C ARG B 338 9.85 6.78 1.42
N ILE B 339 11.09 6.53 1.00
CA ILE B 339 11.47 5.31 0.30
C ILE B 339 12.80 4.81 0.86
N LYS B 340 12.89 3.52 1.14
CA LYS B 340 14.11 2.90 1.65
C LYS B 340 14.59 1.84 0.67
N MET B 341 15.86 1.93 0.28
CA MET B 341 16.43 0.98 -0.68
C MET B 341 17.94 1.09 -0.65
N CYS B 342 18.62 -0.06 -0.75
CA CYS B 342 20.08 -0.09 -0.85
C CYS B 342 20.46 -0.05 -2.33
N THR B 343 20.40 1.15 -2.89
CA THR B 343 20.53 1.33 -4.34
C THR B 343 21.96 1.09 -4.79
N LYS B 344 22.09 0.34 -5.89
CA LYS B 344 23.34 0.16 -6.61
C LYS B 344 23.12 0.52 -8.08
N VAL B 345 24.20 0.51 -8.85
CA VAL B 345 24.16 0.94 -10.24
C VAL B 345 24.06 -0.33 -11.09
N THR B 346 22.83 -0.72 -11.42
CA THR B 346 22.57 -1.89 -12.26
C THR B 346 21.26 -1.66 -13.02
N MET B 347 21.08 -2.43 -14.08
CA MET B 347 19.83 -2.33 -14.84
C MET B 347 18.65 -2.84 -14.02
N ASP B 348 18.85 -3.92 -13.27
CA ASP B 348 17.76 -4.46 -12.46
C ASP B 348 17.31 -3.45 -11.41
N ASP B 349 18.25 -2.68 -10.86
CA ASP B 349 17.89 -1.65 -9.90
C ASP B 349 17.20 -0.46 -10.56
N PHE B 350 17.40 -0.26 -11.87
CA PHE B 350 16.70 0.82 -12.56
C PHE B 350 15.19 0.59 -12.56
N LEU B 351 14.76 -0.66 -12.83
CA LEU B 351 13.35 -0.96 -12.89
C LEU B 351 12.71 -1.07 -11.51
N THR B 352 13.49 -1.51 -10.51
CA THR B 352 12.96 -1.61 -9.14
C THR B 352 12.55 -0.24 -8.61
N ALA B 353 13.32 0.80 -8.95
CA ALA B 353 12.97 2.15 -8.51
C ALA B 353 11.64 2.59 -9.10
N HIS B 354 11.37 2.21 -10.35
CA HIS B 354 10.07 2.52 -10.96
C HIS B 354 8.93 1.84 -10.23
N HIS B 355 9.12 0.57 -9.84
CA HIS B 355 8.10 -0.15 -9.10
C HIS B 355 7.81 0.52 -7.76
N GLU B 356 8.86 0.76 -6.97
CA GLU B 356 8.68 1.34 -5.65
C GLU B 356 8.10 2.74 -5.73
N MET B 357 8.37 3.47 -6.81
CA MET B 357 7.82 4.81 -6.95
C MET B 357 6.33 4.77 -7.25
N GLY B 358 5.85 3.71 -7.90
CA GLY B 358 4.43 3.59 -8.18
C GLY B 358 3.58 3.47 -6.93
N HIS B 359 4.11 2.83 -5.89
CA HIS B 359 3.37 2.74 -4.63
C HIS B 359 3.14 4.12 -4.03
N ILE B 360 4.15 4.98 -4.08
CA ILE B 360 4.04 6.32 -3.47
C ILE B 360 2.97 7.13 -4.16
N GLN B 361 2.89 7.06 -5.49
CA GLN B 361 1.89 7.82 -6.21
C GLN B 361 0.47 7.40 -5.81
N TYR B 362 0.26 6.10 -5.60
CA TYR B 362 -1.05 5.64 -5.16
C TYR B 362 -1.41 6.24 -3.80
N ASP B 363 -0.44 6.28 -2.88
CA ASP B 363 -0.68 6.89 -1.58
C ASP B 363 -0.91 8.40 -1.70
N MET B 364 -0.18 9.05 -2.61
CA MET B 364 -0.28 10.49 -2.77
C MET B 364 -1.61 10.93 -3.38
N ALA B 365 -2.42 9.99 -3.89
CA ALA B 365 -3.64 10.35 -4.58
C ALA B 365 -4.88 10.29 -3.70
N TYR B 366 -4.87 9.54 -2.60
CA TYR B 366 -6.05 9.39 -1.75
C TYR B 366 -5.80 9.80 -0.31
N ALA B 367 -4.84 10.71 -0.08
CA ALA B 367 -4.59 11.16 1.28
C ALA B 367 -5.75 11.97 1.85
N ALA B 368 -6.62 12.52 0.99
CA ALA B 368 -7.73 13.33 1.47
C ALA B 368 -8.79 12.49 2.17
N GLN B 369 -8.87 11.20 1.86
CA GLN B 369 -9.94 10.36 2.36
C GLN B 369 -9.74 10.06 3.85
N PRO B 370 -10.82 9.65 4.54
CA PRO B 370 -10.69 9.20 5.94
C PRO B 370 -9.63 8.13 6.15
N TYR B 371 -9.23 7.94 7.41
CA TYR B 371 -8.18 6.99 7.73
C TYR B 371 -8.62 5.55 7.45
N LEU B 372 -9.86 5.20 7.78
CA LEU B 372 -10.30 3.82 7.62
C LEU B 372 -10.54 3.44 6.18
N LEU B 373 -10.65 4.41 5.28
CA LEU B 373 -10.83 4.16 3.86
C LEU B 373 -9.63 4.68 3.07
N ARG B 374 -8.43 4.50 3.61
CA ARG B 374 -7.19 4.94 2.99
C ARG B 374 -6.35 3.70 2.70
N ASP B 375 -6.62 3.07 1.57
CA ASP B 375 -5.94 1.85 1.12
C ASP B 375 -6.39 1.59 -0.30
N GLY B 376 -5.94 0.47 -0.85
CA GLY B 376 -6.33 0.09 -2.19
C GLY B 376 -7.76 -0.42 -2.24
N ALA B 377 -8.26 -0.59 -3.47
CA ALA B 377 -9.63 -1.05 -3.63
C ALA B 377 -9.82 -2.45 -3.07
N ASN B 378 -8.85 -3.33 -3.30
CA ASN B 378 -8.89 -4.69 -2.76
C ASN B 378 -7.46 -5.12 -2.45
N GLU B 379 -7.28 -6.42 -2.25
CA GLU B 379 -5.98 -6.95 -1.84
C GLU B 379 -4.92 -6.72 -2.92
N GLY B 380 -5.26 -6.97 -4.18
CA GLY B 380 -4.26 -7.02 -5.22
C GLY B 380 -4.18 -5.82 -6.14
N PHE B 381 -4.58 -4.64 -5.65
CA PHE B 381 -4.50 -3.44 -6.47
C PHE B 381 -3.19 -2.70 -6.29
N HIS B 382 -2.56 -2.77 -5.12
CA HIS B 382 -1.33 -2.03 -4.89
C HIS B 382 -0.15 -2.61 -5.65
N GLU B 383 -0.16 -3.92 -5.88
CA GLU B 383 0.92 -4.57 -6.61
C GLU B 383 0.57 -4.79 -8.08
N ALA B 384 -0.49 -4.16 -8.56
CA ALA B 384 -0.80 -4.12 -9.98
C ALA B 384 -0.50 -2.78 -10.61
N VAL B 385 -0.68 -1.69 -9.86
CA VAL B 385 -0.31 -0.36 -10.35
C VAL B 385 1.19 -0.22 -10.49
N GLY B 386 1.94 -0.79 -9.56
CA GLY B 386 3.38 -0.67 -9.55
C GLY B 386 4.15 -1.69 -10.36
N GLU B 387 3.45 -2.59 -11.07
CA GLU B 387 4.12 -3.56 -11.92
C GLU B 387 4.02 -3.21 -13.40
N ILE B 388 3.03 -2.42 -13.80
CA ILE B 388 2.97 -1.97 -15.18
C ILE B 388 4.01 -0.89 -15.46
N MET B 389 4.49 -0.21 -14.41
CA MET B 389 5.50 0.84 -14.59
C MET B 389 6.83 0.25 -15.04
N SER B 390 7.21 -0.90 -14.49
CA SER B 390 8.42 -1.56 -14.92
C SER B 390 8.29 -2.11 -16.34
N LEU B 391 7.07 -2.25 -16.85
CA LEU B 391 6.86 -2.74 -18.20
C LEU B 391 7.14 -1.66 -19.25
N SER B 392 6.96 -0.40 -18.89
CA SER B 392 7.30 0.71 -19.78
C SER B 392 8.69 1.27 -19.50
N ALA B 393 9.42 0.70 -18.55
CA ALA B 393 10.79 1.12 -18.25
C ALA B 393 11.83 0.14 -18.75
N ALA B 394 11.42 -0.99 -19.32
CA ALA B 394 12.33 -1.97 -19.90
C ALA B 394 12.14 -2.12 -21.39
N THR B 395 11.25 -1.35 -21.99
CA THR B 395 11.06 -1.36 -23.43
C THR B 395 12.29 -0.82 -24.14
N PRO B 396 12.60 -1.33 -25.34
CA PRO B 396 13.79 -0.86 -26.05
C PRO B 396 13.59 0.45 -26.81
N HIS B 397 12.45 1.10 -26.63
CA HIS B 397 12.20 2.42 -27.19
C HIS B 397 12.38 3.52 -26.15
N TYR B 398 11.90 3.29 -24.92
CA TYR B 398 12.06 4.27 -23.85
C TYR B 398 13.54 4.46 -23.50
N LEU B 399 14.29 3.37 -23.42
CA LEU B 399 15.72 3.48 -23.10
C LEU B 399 16.48 4.22 -24.20
N LYS B 400 16.04 4.06 -25.45
CA LYS B 400 16.69 4.78 -26.55
C LYS B 400 16.51 6.30 -26.39
N ALA B 401 15.30 6.73 -26.02
CA ALA B 401 15.09 8.16 -25.81
C ALA B 401 15.84 8.67 -24.61
N LEU B 402 16.02 7.83 -23.58
CA LEU B 402 16.75 8.23 -22.38
C LEU B 402 18.24 8.40 -22.64
N GLY B 403 18.74 7.96 -23.80
CA GLY B 403 20.14 8.10 -24.12
C GLY B 403 21.02 6.97 -23.66
N LEU B 404 20.47 5.97 -22.98
CA LEU B 404 21.26 4.83 -22.52
C LEU B 404 21.39 3.74 -23.59
N LEU B 405 20.79 3.93 -24.76
CA LEU B 405 20.87 2.98 -25.85
C LEU B 405 21.24 3.71 -27.13
N GLU B 406 21.98 3.03 -28.00
CA GLU B 406 22.40 3.63 -29.25
C GLU B 406 21.19 3.90 -30.14
N PRO B 407 21.15 5.05 -30.84
CA PRO B 407 20.00 5.35 -31.71
C PRO B 407 19.80 4.34 -32.82
N ASP B 408 20.86 3.69 -33.29
CA ASP B 408 20.77 2.66 -34.32
C ASP B 408 20.81 1.30 -33.63
N PHE B 409 19.65 0.68 -33.46
CA PHE B 409 19.55 -0.60 -32.77
C PHE B 409 18.39 -1.38 -33.36
N TYR B 410 18.70 -2.45 -34.09
CA TYR B 410 17.67 -3.25 -34.74
C TYR B 410 17.01 -4.19 -33.74
N GLU B 411 15.70 -4.41 -33.92
CA GLU B 411 14.93 -5.26 -33.02
C GLU B 411 14.66 -6.58 -33.74
N ASP B 412 15.60 -7.52 -33.59
CA ASP B 412 15.42 -8.85 -34.16
C ASP B 412 14.30 -9.59 -33.45
N ASN B 413 13.59 -10.44 -34.21
CA ASN B 413 12.52 -11.20 -33.59
C ASN B 413 13.04 -12.29 -32.67
N GLU B 414 14.31 -12.67 -32.81
CA GLU B 414 14.89 -13.67 -31.92
C GLU B 414 14.96 -13.14 -30.50
N THR B 415 15.39 -11.89 -30.32
CA THR B 415 15.42 -11.29 -28.99
C THR B 415 14.01 -11.13 -28.43
N GLU B 416 13.05 -10.74 -29.28
CA GLU B 416 11.68 -10.60 -28.82
C GLU B 416 11.13 -11.92 -28.30
N ILE B 417 11.36 -13.00 -29.04
CA ILE B 417 10.94 -14.32 -28.57
C ILE B 417 11.73 -14.72 -27.34
N ASN B 418 13.03 -14.43 -27.33
CA ASN B 418 13.86 -14.75 -26.17
C ASN B 418 13.40 -13.98 -24.94
N PHE B 419 13.00 -12.73 -25.12
CA PHE B 419 12.56 -11.91 -23.99
C PHE B 419 11.21 -12.39 -23.45
N LEU B 420 10.30 -12.78 -24.33
CA LEU B 420 8.96 -13.17 -23.90
C LEU B 420 8.98 -14.45 -23.06
N LEU B 421 9.84 -15.42 -23.41
CA LEU B 421 9.91 -16.66 -22.65
C LEU B 421 10.37 -16.40 -21.22
N LYS B 422 11.28 -15.46 -21.03
CA LYS B 422 11.74 -15.13 -19.69
C LYS B 422 10.59 -14.63 -18.81
N GLN B 423 9.70 -13.83 -19.38
CA GLN B 423 8.55 -13.34 -18.63
C GLN B 423 7.55 -14.46 -18.35
N ALA B 424 7.38 -15.39 -19.31
CA ALA B 424 6.42 -16.47 -19.14
C ALA B 424 6.81 -17.38 -18.00
N LEU B 425 8.11 -17.62 -17.81
CA LEU B 425 8.58 -18.48 -16.73
C LEU B 425 8.32 -17.89 -15.35
N THR B 426 7.98 -16.61 -15.25
CA THR B 426 7.76 -15.95 -13.97
C THR B 426 6.30 -15.67 -13.67
N ILE B 427 5.55 -15.16 -14.64
CA ILE B 427 4.18 -14.71 -14.42
C ILE B 427 3.15 -15.62 -15.08
N VAL B 428 3.58 -16.66 -15.80
CA VAL B 428 2.65 -17.61 -16.37
C VAL B 428 2.78 -19.00 -15.75
N GLY B 429 3.97 -19.39 -15.31
CA GLY B 429 4.20 -20.68 -14.72
C GLY B 429 3.89 -20.78 -13.24
N THR B 430 3.34 -19.72 -12.64
CA THR B 430 2.98 -19.74 -11.24
C THR B 430 1.48 -19.67 -11.00
N LEU B 431 0.68 -19.33 -12.00
CA LEU B 431 -0.76 -19.23 -11.80
C LEU B 431 -1.39 -20.56 -11.41
N PRO B 432 -1.13 -21.68 -12.09
CA PRO B 432 -1.71 -22.95 -11.62
C PRO B 432 -1.22 -23.36 -10.24
N PHE B 433 0.00 -22.99 -9.86
CA PHE B 433 0.49 -23.33 -8.53
C PHE B 433 -0.31 -22.63 -7.44
N THR B 434 -0.63 -21.35 -7.62
CA THR B 434 -1.41 -20.63 -6.63
C THR B 434 -2.85 -21.15 -6.57
N TYR B 435 -3.44 -21.43 -7.73
CA TYR B 435 -4.81 -21.93 -7.75
C TYR B 435 -4.92 -23.29 -7.06
N MET B 436 -3.95 -24.17 -7.30
CA MET B 436 -3.97 -25.50 -6.68
C MET B 436 -3.79 -25.41 -5.17
N LEU B 437 -2.92 -24.52 -4.71
CA LEU B 437 -2.69 -24.37 -3.27
C LEU B 437 -3.93 -23.83 -2.57
N GLU B 438 -4.60 -22.84 -3.18
CA GLU B 438 -5.77 -22.24 -2.54
C GLU B 438 -7.00 -23.14 -2.62
N LYS B 439 -7.17 -23.85 -3.73
CA LYS B 439 -8.31 -24.75 -3.87
C LYS B 439 -8.25 -25.86 -2.83
N TRP B 440 -7.06 -26.42 -2.61
CA TRP B 440 -6.91 -27.41 -1.55
C TRP B 440 -7.16 -26.79 -0.18
N ARG B 441 -6.65 -25.59 0.05
CA ARG B 441 -6.76 -24.98 1.36
C ARG B 441 -8.19 -24.56 1.67
N TRP B 442 -8.94 -24.12 0.65
CA TRP B 442 -10.37 -23.87 0.84
C TRP B 442 -11.11 -25.15 1.21
N MET B 443 -10.81 -26.25 0.50
CA MET B 443 -11.52 -27.49 0.74
C MET B 443 -11.15 -28.10 2.08
N VAL B 444 -9.87 -28.03 2.47
CA VAL B 444 -9.46 -28.59 3.75
C VAL B 444 -10.08 -27.80 4.90
N PHE B 445 -10.31 -26.50 4.70
CA PHE B 445 -10.94 -25.69 5.73
C PHE B 445 -12.44 -25.95 5.81
N LYS B 446 -13.07 -26.24 4.67
CA LYS B 446 -14.52 -26.48 4.65
C LYS B 446 -14.89 -27.71 5.46
N GLY B 447 -14.09 -28.77 5.37
CA GLY B 447 -14.41 -30.01 6.02
C GLY B 447 -14.79 -31.14 5.08
N GLU B 448 -14.72 -30.91 3.77
CA GLU B 448 -15.00 -31.94 2.78
C GLU B 448 -13.91 -33.00 2.71
N ILE B 449 -12.70 -32.67 3.13
CA ILE B 449 -11.57 -33.60 3.14
C ILE B 449 -11.44 -34.21 4.52
N PRO B 450 -11.39 -35.53 4.64
CA PRO B 450 -11.43 -36.17 5.96
C PRO B 450 -10.02 -36.26 6.54
N LYS B 451 -9.93 -36.88 7.72
CA LYS B 451 -8.66 -36.91 8.44
C LYS B 451 -7.61 -37.71 7.68
N GLU B 452 -7.95 -38.94 7.28
CA GLU B 452 -6.95 -39.84 6.72
C GLU B 452 -6.57 -39.53 5.28
N GLN B 453 -7.31 -38.66 4.60
CA GLN B 453 -7.10 -38.38 3.19
C GLN B 453 -6.59 -36.96 2.93
N TRP B 454 -5.86 -36.38 3.89
CA TRP B 454 -5.33 -35.04 3.69
C TRP B 454 -4.25 -35.04 2.62
N MET B 455 -3.22 -35.86 2.79
CA MET B 455 -2.04 -35.75 1.94
C MET B 455 -2.22 -36.48 0.60
N GLU B 456 -3.03 -37.54 0.57
CA GLU B 456 -3.36 -38.17 -0.71
C GLU B 456 -4.12 -37.20 -1.60
N LYS B 457 -5.03 -36.41 -1.01
CA LYS B 457 -5.76 -35.42 -1.79
C LYS B 457 -4.86 -34.31 -2.29
N TRP B 458 -3.74 -34.06 -1.60
CA TRP B 458 -2.82 -33.02 -2.03
C TRP B 458 -2.23 -33.35 -3.40
N TRP B 459 -1.79 -34.58 -3.58
CA TRP B 459 -1.14 -34.99 -4.82
C TRP B 459 -2.11 -35.46 -5.89
N GLU B 460 -3.37 -35.69 -5.54
CA GLU B 460 -4.35 -36.04 -6.57
C GLU B 460 -4.60 -34.88 -7.52
N MET B 461 -4.69 -33.66 -6.99
CA MET B 461 -4.89 -32.49 -7.82
C MET B 461 -3.58 -31.98 -8.45
N LYS B 462 -2.43 -32.38 -7.90
CA LYS B 462 -1.16 -31.90 -8.43
C LYS B 462 -0.91 -32.42 -9.83
N ARG B 463 -1.24 -33.69 -10.08
CA ARG B 463 -1.04 -34.25 -11.42
C ARG B 463 -1.94 -33.58 -12.45
N GLU B 464 -3.21 -33.36 -12.09
CA GLU B 464 -4.19 -32.88 -13.06
C GLU B 464 -4.04 -31.39 -13.35
N ILE B 465 -3.71 -30.58 -12.34
CA ILE B 465 -3.75 -29.13 -12.48
C ILE B 465 -2.41 -28.58 -12.96
N VAL B 466 -1.31 -28.88 -12.27
CA VAL B 466 0.00 -28.37 -12.64
C VAL B 466 0.82 -29.42 -13.37
N GLY B 467 0.81 -30.65 -12.90
CA GLY B 467 1.46 -31.73 -13.64
C GLY B 467 2.82 -32.13 -13.12
N VAL B 468 2.96 -32.28 -11.81
CA VAL B 468 4.20 -32.75 -11.20
C VAL B 468 3.88 -33.93 -10.29
N VAL B 469 4.85 -34.84 -10.16
CA VAL B 469 4.68 -36.05 -9.37
C VAL B 469 5.81 -36.15 -8.37
N GLU B 470 5.53 -36.81 -7.24
CA GLU B 470 6.54 -37.01 -6.20
C GLU B 470 7.36 -38.26 -6.50
N PRO B 471 8.69 -38.20 -6.38
CA PRO B 471 9.49 -39.42 -6.56
C PRO B 471 9.18 -40.52 -5.56
N LEU B 472 8.84 -40.18 -4.33
CA LEU B 472 8.59 -41.17 -3.28
C LEU B 472 7.30 -40.81 -2.54
N PRO B 473 6.25 -41.62 -2.65
CA PRO B 473 4.98 -41.29 -1.98
C PRO B 473 5.07 -41.37 -0.47
N HIS B 474 4.27 -40.53 0.19
CA HIS B 474 4.17 -40.48 1.64
C HIS B 474 2.72 -40.67 2.06
N ASP B 475 2.51 -41.33 3.20
CA ASP B 475 1.15 -41.61 3.64
C ASP B 475 0.61 -40.59 4.64
N GLU B 476 1.22 -40.50 5.83
CA GLU B 476 0.72 -39.61 6.87
C GLU B 476 1.84 -38.98 7.70
N THR B 477 3.04 -38.88 7.16
CA THR B 477 4.18 -38.40 7.93
C THR B 477 4.75 -37.08 7.44
N TYR B 478 4.59 -36.76 6.16
CA TYR B 478 5.14 -35.54 5.58
C TYR B 478 3.99 -34.61 5.22
N CYS B 479 4.04 -33.38 5.74
CA CYS B 479 3.04 -32.36 5.43
C CYS B 479 3.66 -31.39 4.42
N ASP B 480 3.34 -31.57 3.14
CA ASP B 480 3.93 -30.73 2.10
C ASP B 480 3.46 -29.28 2.23
N PRO B 481 2.16 -29.03 2.39
CA PRO B 481 1.69 -27.73 2.91
C PRO B 481 2.11 -27.32 4.32
N ALA B 482 3.39 -27.44 4.58
CA ALA B 482 3.99 -26.87 5.77
C ALA B 482 5.36 -26.27 5.49
N CYS B 483 5.86 -26.35 4.25
CA CYS B 483 7.21 -25.93 3.92
C CYS B 483 7.25 -24.55 3.29
N LEU B 484 6.14 -23.82 3.31
CA LEU B 484 6.04 -22.51 2.68
C LEU B 484 5.96 -21.41 3.72
N PHE B 485 6.46 -20.23 3.34
CA PHE B 485 6.45 -19.08 4.24
C PHE B 485 5.03 -18.68 4.60
N HIS B 486 4.13 -18.63 3.61
CA HIS B 486 2.78 -18.14 3.86
C HIS B 486 1.94 -19.16 4.62
N VAL B 487 2.07 -20.44 4.28
CA VAL B 487 1.20 -21.45 4.87
C VAL B 487 1.51 -21.68 6.35
N ALA B 488 2.73 -21.40 6.77
CA ALA B 488 3.15 -21.67 8.14
C ALA B 488 3.03 -20.45 9.06
N GLU B 489 2.57 -19.31 8.55
CA GLU B 489 2.40 -18.13 9.37
C GLU B 489 1.02 -17.49 9.18
N ASP B 490 0.05 -18.28 8.70
CA ASP B 490 -1.35 -17.86 8.61
C ASP B 490 -1.51 -16.61 7.75
N TYR B 491 -1.16 -16.75 6.47
CA TYR B 491 -1.32 -15.70 5.48
C TYR B 491 -2.21 -16.19 4.35
N SER B 492 -2.56 -15.27 3.46
CA SER B 492 -3.38 -15.59 2.30
C SER B 492 -2.49 -15.74 1.07
N PHE B 493 -3.06 -16.33 0.01
CA PHE B 493 -2.33 -16.54 -1.22
C PHE B 493 -3.10 -16.14 -2.46
N ILE B 494 -4.38 -15.76 -2.34
CA ILE B 494 -5.17 -15.35 -3.51
C ILE B 494 -4.85 -13.94 -3.96
N ARG B 495 -4.12 -13.16 -3.17
CA ARG B 495 -3.67 -11.85 -3.62
C ARG B 495 -2.68 -11.96 -4.78
N TYR B 496 -2.10 -13.14 -4.99
CA TYR B 496 -1.08 -13.33 -6.01
C TYR B 496 -1.65 -13.85 -7.33
N TYR B 497 -2.96 -14.12 -7.37
CA TYR B 497 -3.62 -14.54 -8.59
C TYR B 497 -4.43 -13.42 -9.23
N THR B 498 -4.98 -12.52 -8.42
CA THR B 498 -5.75 -11.40 -8.96
C THR B 498 -4.85 -10.30 -9.52
N ARG B 499 -3.75 -10.02 -8.84
CA ARG B 499 -2.87 -8.93 -9.26
C ARG B 499 -2.15 -9.23 -10.56
N THR B 500 -2.13 -10.49 -11.00
CA THR B 500 -1.52 -10.87 -12.27
C THR B 500 -2.48 -10.75 -13.44
N ILE B 501 -3.77 -10.99 -13.21
CA ILE B 501 -4.80 -10.74 -14.21
C ILE B 501 -5.24 -9.28 -14.22
N TYR B 502 -5.08 -8.56 -13.11
CA TYR B 502 -5.50 -7.17 -13.02
C TYR B 502 -4.55 -6.22 -13.74
N GLN B 503 -3.25 -6.52 -13.74
CA GLN B 503 -2.29 -5.58 -14.32
C GLN B 503 -2.43 -5.51 -15.83
N PHE B 504 -2.68 -6.64 -16.48
CA PHE B 504 -2.80 -6.67 -17.93
C PHE B 504 -4.09 -6.03 -18.42
N GLN B 505 -5.13 -5.98 -17.60
CA GLN B 505 -6.30 -5.20 -17.95
C GLN B 505 -6.00 -3.71 -17.87
N PHE B 506 -5.22 -3.29 -16.87
CA PHE B 506 -4.81 -1.89 -16.77
C PHE B 506 -3.89 -1.52 -17.92
N HIS B 507 -3.00 -2.42 -18.32
CA HIS B 507 -2.03 -2.13 -19.37
C HIS B 507 -2.67 -2.06 -20.74
N GLU B 508 -3.80 -2.75 -20.94
CA GLU B 508 -4.44 -2.76 -22.24
C GLU B 508 -5.26 -1.52 -22.51
N ALA B 509 -5.63 -0.78 -21.46
CA ALA B 509 -6.38 0.47 -21.62
C ALA B 509 -5.51 1.70 -21.60
N LEU B 510 -4.44 1.70 -20.81
CA LEU B 510 -3.52 2.83 -20.77
C LEU B 510 -2.67 2.91 -22.04
N CYS B 511 -2.66 1.87 -22.87
CA CYS B 511 -2.02 1.86 -24.18
C CYS B 511 -2.97 2.20 -25.31
N LYS B 512 -4.19 1.66 -25.26
CA LYS B 512 -5.20 2.03 -26.25
C LYS B 512 -5.56 3.50 -26.15
N THR B 513 -5.63 4.02 -24.92
CA THR B 513 -5.88 5.45 -24.73
C THR B 513 -4.73 6.29 -25.27
N ALA B 514 -3.50 5.83 -25.08
CA ALA B 514 -2.33 6.55 -25.56
C ALA B 514 -2.12 6.43 -27.06
N ASN B 515 -2.98 5.70 -27.77
CA ASN B 515 -2.90 5.53 -29.23
C ASN B 515 -1.57 4.93 -29.65
N HIS B 516 -1.38 3.68 -29.22
CA HIS B 516 -0.24 2.87 -29.59
C HIS B 516 -0.68 1.74 -30.53
N GLU B 517 0.09 1.53 -31.59
CA GLU B 517 -0.19 0.47 -32.55
C GLU B 517 0.85 -0.64 -32.43
N GLY B 518 0.41 -1.86 -32.66
CA GLY B 518 1.29 -3.02 -32.60
C GLY B 518 1.03 -3.90 -31.39
N ALA B 519 1.97 -4.80 -31.14
CA ALA B 519 1.86 -5.69 -30.00
C ALA B 519 2.05 -4.92 -28.70
N LEU B 520 1.50 -5.48 -27.62
CA LEU B 520 1.46 -4.79 -26.34
C LEU B 520 2.78 -4.83 -25.57
N PHE B 521 3.71 -5.70 -25.95
CA PHE B 521 4.91 -5.91 -25.16
C PHE B 521 6.04 -4.94 -25.52
N LYS B 522 5.76 -3.94 -26.34
CA LYS B 522 6.68 -2.84 -26.61
C LYS B 522 5.97 -1.51 -26.45
N CYS B 523 5.10 -1.42 -25.45
CA CYS B 523 4.22 -0.27 -25.26
C CYS B 523 4.82 0.67 -24.23
N ASP B 524 4.92 1.94 -24.59
CA ASP B 524 5.42 2.99 -23.72
C ASP B 524 4.32 4.03 -23.56
N ILE B 525 3.96 4.34 -22.31
CA ILE B 525 2.89 5.28 -22.03
C ILE B 525 3.44 6.68 -21.77
N SER B 526 4.75 6.88 -21.96
CA SER B 526 5.36 8.18 -21.72
C SER B 526 4.84 9.22 -22.70
N ASN B 527 4.79 10.47 -22.24
CA ASN B 527 4.38 11.65 -22.99
C ASN B 527 2.88 11.66 -23.31
N SER B 528 2.11 10.72 -22.79
CA SER B 528 0.67 10.69 -23.01
C SER B 528 -0.06 11.32 -21.83
N THR B 529 -0.97 12.24 -22.13
CA THR B 529 -1.72 12.95 -21.11
C THR B 529 -3.12 12.36 -20.89
N GLU B 530 -3.79 11.93 -21.96
CA GLU B 530 -5.10 11.32 -21.81
C GLU B 530 -5.03 10.03 -20.99
N ALA B 531 -4.01 9.20 -21.24
CA ALA B 531 -3.86 7.98 -20.46
C ALA B 531 -3.46 8.29 -19.02
N GLY B 532 -2.56 9.25 -18.83
CA GLY B 532 -2.10 9.58 -17.49
C GLY B 532 -3.14 10.25 -16.62
N GLN B 533 -4.21 10.78 -17.20
CA GLN B 533 -5.29 11.36 -16.43
C GLN B 533 -6.39 10.35 -16.12
N ARG B 534 -6.51 9.30 -16.93
CA ARG B 534 -7.48 8.25 -16.62
C ARG B 534 -7.06 7.48 -15.38
N LEU B 535 -5.76 7.30 -15.16
CA LEU B 535 -5.27 6.61 -13.99
C LEU B 535 -5.54 7.38 -12.70
N LEU B 536 -5.73 8.69 -12.77
CA LEU B 536 -6.04 9.49 -11.59
C LEU B 536 -7.50 9.40 -11.17
N GLN B 537 -8.31 8.60 -11.87
CA GLN B 537 -9.69 8.38 -11.46
C GLN B 537 -9.80 7.25 -10.44
N MET B 538 -9.23 6.09 -10.76
CA MET B 538 -9.22 4.98 -9.81
C MET B 538 -8.36 5.29 -8.59
N LEU B 539 -7.19 5.89 -8.82
CA LEU B 539 -6.20 6.03 -7.74
C LEU B 539 -6.67 6.96 -6.63
N SER B 540 -7.66 7.82 -6.89
CA SER B 540 -8.14 8.74 -5.86
C SER B 540 -9.33 8.21 -5.08
N LEU B 541 -10.00 7.16 -5.57
CA LEU B 541 -11.17 6.65 -4.88
C LEU B 541 -10.78 5.89 -3.61
N GLY B 542 -9.65 5.19 -3.61
CA GLY B 542 -9.27 4.43 -2.45
C GLY B 542 -10.26 3.31 -2.17
N LYS B 543 -10.68 3.21 -0.91
CA LYS B 543 -11.69 2.24 -0.49
C LYS B 543 -13.06 2.87 -0.30
N SER B 544 -13.26 4.11 -0.77
CA SER B 544 -14.57 4.73 -0.66
C SER B 544 -15.61 3.98 -1.47
N GLU B 545 -15.25 3.54 -2.65
CA GLU B 545 -16.16 2.84 -3.55
C GLU B 545 -15.87 1.35 -3.57
N PRO B 546 -16.85 0.52 -3.91
CA PRO B 546 -16.60 -0.91 -4.07
C PRO B 546 -15.58 -1.18 -5.16
N TRP B 547 -14.83 -2.28 -4.99
CA TRP B 547 -13.79 -2.62 -5.95
C TRP B 547 -14.35 -2.86 -7.34
N THR B 548 -15.64 -3.22 -7.44
CA THR B 548 -16.25 -3.40 -8.76
C THR B 548 -16.34 -2.07 -9.50
N LEU B 549 -16.68 -0.99 -8.78
CA LEU B 549 -16.79 0.31 -9.44
C LEU B 549 -15.43 0.84 -9.88
N ALA B 550 -14.39 0.57 -9.09
CA ALA B 550 -13.06 1.05 -9.45
C ALA B 550 -12.58 0.44 -10.76
N LEU B 551 -12.82 -0.86 -10.96
CA LEU B 551 -12.42 -1.51 -12.20
C LEU B 551 -13.31 -1.11 -13.36
N GLU B 552 -14.57 -0.72 -13.08
CA GLU B 552 -15.48 -0.33 -14.15
C GLU B 552 -14.97 0.89 -14.89
N SER B 553 -14.40 1.85 -14.16
CA SER B 553 -14.00 3.11 -14.77
C SER B 553 -12.76 2.96 -15.65
N ILE B 554 -11.87 2.01 -15.33
CA ILE B 554 -10.56 1.99 -15.96
C ILE B 554 -10.54 1.10 -17.21
N VAL B 555 -11.23 -0.03 -17.19
CA VAL B 555 -11.20 -0.96 -18.31
C VAL B 555 -12.53 -1.00 -19.07
N GLY B 556 -13.65 -0.83 -18.39
CA GLY B 556 -14.95 -0.92 -19.02
C GLY B 556 -15.67 -2.22 -18.77
N ILE B 557 -15.09 -3.13 -18.00
CA ILE B 557 -15.72 -4.40 -17.65
C ILE B 557 -15.70 -4.53 -16.13
N LYS B 558 -16.85 -4.86 -15.55
CA LYS B 558 -16.99 -4.92 -14.10
C LYS B 558 -16.48 -6.23 -13.50
N THR B 559 -16.02 -7.17 -14.32
CA THR B 559 -15.53 -8.46 -13.86
C THR B 559 -14.07 -8.64 -14.26
N MET B 560 -13.53 -9.83 -13.99
CA MET B 560 -12.15 -10.16 -14.31
C MET B 560 -12.08 -10.78 -15.70
N ASP B 561 -11.29 -10.17 -16.57
CA ASP B 561 -11.11 -10.63 -17.94
C ASP B 561 -9.68 -11.10 -18.14
N VAL B 562 -9.55 -12.26 -18.79
CA VAL B 562 -8.25 -12.90 -18.98
C VAL B 562 -7.72 -12.73 -20.40
N LYS B 563 -8.54 -12.24 -21.32
CA LYS B 563 -8.09 -11.98 -22.68
C LYS B 563 -6.89 -11.04 -22.77
N PRO B 564 -6.76 -9.97 -21.98
CA PRO B 564 -5.54 -9.14 -22.07
C PRO B 564 -4.26 -9.90 -21.80
N LEU B 565 -4.30 -10.93 -20.95
CA LEU B 565 -3.13 -11.76 -20.70
C LEU B 565 -2.83 -12.72 -21.85
N LEU B 566 -3.74 -12.84 -22.82
CA LEU B 566 -3.49 -13.64 -24.01
C LEU B 566 -3.14 -12.81 -25.22
N ASN B 567 -3.23 -11.47 -25.13
CA ASN B 567 -2.74 -10.59 -26.17
C ASN B 567 -1.34 -10.05 -25.90
N TYR B 568 -0.85 -10.21 -24.66
CA TYR B 568 0.53 -9.87 -24.36
C TYR B 568 1.49 -10.97 -24.77
N PHE B 569 1.00 -12.21 -24.94
CA PHE B 569 1.85 -13.34 -25.30
C PHE B 569 1.45 -13.96 -26.63
N GLU B 570 0.68 -13.24 -27.45
CA GLU B 570 0.24 -13.79 -28.73
C GLU B 570 1.39 -14.14 -29.67
N PRO B 571 2.40 -13.29 -29.86
CA PRO B 571 3.54 -13.72 -30.68
C PRO B 571 4.25 -14.95 -30.13
N LEU B 572 4.31 -15.10 -28.81
CA LEU B 572 4.90 -16.30 -28.24
C LEU B 572 4.08 -17.54 -28.58
N PHE B 573 2.76 -17.43 -28.51
CA PHE B 573 1.90 -18.59 -28.75
C PHE B 573 2.06 -19.13 -30.16
N THR B 574 2.30 -18.25 -31.14
CA THR B 574 2.49 -18.71 -32.51
C THR B 574 3.74 -19.56 -32.64
N TRP B 575 4.81 -19.20 -31.92
CA TRP B 575 6.07 -19.91 -32.06
C TRP B 575 5.98 -21.34 -31.54
N LEU B 576 5.28 -21.54 -30.43
CA LEU B 576 5.21 -22.88 -29.83
C LEU B 576 4.42 -23.87 -30.68
N LYS B 577 3.56 -23.38 -31.58
CA LYS B 577 2.84 -24.30 -32.46
C LYS B 577 3.82 -25.06 -33.36
N GLU B 578 4.82 -24.36 -33.90
CA GLU B 578 5.77 -25.00 -34.80
C GLU B 578 6.80 -25.83 -34.05
N GLN B 579 7.20 -25.40 -32.86
CA GLN B 579 8.27 -26.07 -32.13
C GLN B 579 7.77 -27.20 -31.24
N ASN B 580 6.47 -27.47 -31.22
CA ASN B 580 5.92 -28.56 -30.43
C ASN B 580 5.04 -29.49 -31.26
N ARG B 581 5.09 -29.40 -32.59
CA ARG B 581 4.26 -30.28 -33.42
C ARG B 581 4.77 -31.71 -33.40
N ASN B 582 6.08 -31.90 -33.34
CA ASN B 582 6.67 -33.23 -33.23
C ASN B 582 6.89 -33.61 -31.76
N SER B 583 5.82 -33.52 -30.98
CA SER B 583 5.86 -33.85 -29.56
C SER B 583 4.43 -34.07 -29.10
N PHE B 584 4.29 -34.58 -27.88
CA PHE B 584 2.99 -34.90 -27.31
C PHE B 584 2.48 -33.76 -26.46
N VAL B 585 1.16 -33.55 -26.50
CA VAL B 585 0.50 -32.50 -25.73
C VAL B 585 -0.15 -33.13 -24.50
N GLY B 586 -0.17 -32.38 -23.41
CA GLY B 586 -0.74 -32.87 -22.18
C GLY B 586 0.19 -33.80 -21.43
N TRP B 587 -0.33 -34.37 -20.35
CA TRP B 587 0.45 -35.30 -19.53
C TRP B 587 -0.49 -36.35 -18.94
N SER B 588 0.08 -37.52 -18.66
CA SER B 588 -0.67 -38.65 -18.11
C SER B 588 -0.40 -38.76 -16.62
N THR B 589 -1.49 -38.84 -15.84
CA THR B 589 -1.36 -38.89 -14.38
C THR B 589 -0.92 -40.25 -13.88
N GLU B 590 -1.24 -41.32 -14.62
CA GLU B 590 -0.97 -42.67 -14.13
C GLU B 590 0.52 -42.95 -14.02
N TRP B 591 1.34 -42.38 -14.90
CA TRP B 591 2.78 -42.61 -14.89
C TRP B 591 3.37 -42.12 -13.58
N THR B 592 4.19 -42.96 -12.94
CA THR B 592 4.78 -42.61 -11.65
C THR B 592 5.96 -43.53 -11.36
N PRO B 593 7.05 -43.02 -10.78
CA PRO B 593 8.17 -43.89 -10.35
C PRO B 593 7.86 -44.63 -9.04
N TYR B 594 6.82 -45.46 -9.08
CA TYR B 594 6.43 -46.18 -7.86
C TYR B 594 7.39 -47.31 -7.54
N SER B 595 7.90 -47.99 -8.55
CA SER B 595 8.82 -49.11 -8.33
C SER B 595 10.22 -48.78 -8.82
#